data_6LU0
#
_entry.id   6LU0
#
_cell.length_a   93.553
_cell.length_b   122.672
_cell.length_c   284.712
_cell.angle_alpha   90.000
_cell.angle_beta   90.000
_cell.angle_gamma   90.000
#
_symmetry.space_group_name_H-M   'C 2 2 21'
#
loop_
_entity.id
_entity.type
_entity.pdbx_description
1 polymer Cas12i2
2 polymer crRNA
3 polymer "DNA (5'-D(*GP*CP*CP*GP*CP*TP*TP*TP*CP*TP*T)-3')"
4 polymer "DNA (5'-D(*GP*CP*TP*TP*GP*CP*TP*CP*TP*GP*TP*TP*GP*AP*AP*AP*GP*CP*GP*GP*C)-3')"
5 water water
#
loop_
_entity_poly.entity_id
_entity_poly.type
_entity_poly.pdbx_seq_one_letter_code
_entity_poly.pdbx_strand_id
1 'polypeptide(L)'
;SMSSAIKSYKSVLRPNERKNQLLKSTIQCLEDGSAFFFKMLQGLFGGITPEIVRFSTEQEKQQQDIALWCAVNWFRPVSQ
DSLTHTIASDNLVEKFEEYYGGTASDAIKQYFSASIGESYYWNDCRQQYYDLCRELGVEVSDLTHDLEILCREKCLAVAT
ESNQNNSIISVLFGTGEKEDRSVKLRITKKILEAISNLKEIPKNVAPIQEIILNVAKATKETFRQVYAGNLGAPSTLEKF
IAKDGQKEFDLKKLQTDLKKVIRGKSKERDWCCQEELRSYVEQNTIQYDLWAWGEMFNKAHTALKIKSTRNYNFAKQRLE
QFKEIQSLNNLLVVKKLNDFFDSEFFSGEETYTICVHHLGGKDLSKLYKAWEDDPADPENAIVVLCDDLKNNFKKEPIRN
ILRYIFTIRQECSAQDILAAAKYNQQLDRYKSQKANPSVLGNQGFTWTNAVILPEKAQRNDRPNSLDLRIWLYLKLRHPD
GRWKKHHIPFYDTRFFQEIYAAGNSPVDTCQFRTPRFGYHLPKLTDQTAIRVNKKHVKAAKTEARIRLAIQQGTLPVSNL
KITEISATINSKGQVRIPVKFDVGRQKGTLQIGDRFCGYDQNQTASHAYSLWEVVKEGQYHKELGCFVRFISSGDIVSIT
ENRGNQFDQLSYEGLAYPQYADWRKKASKFVSLWQITKKNKKKEIVTVEAKEKFDAICKYQPRLYKFNKEYAYLLRDIVR
GKSLVELQQIRQEIFRFIEQDCGVTRLGSLSLSTLETVKAVKGIIYSYFSTALNASKNNPISDEQRKEFDPELFALLEKL
ELIRTRKKKQKVERIANSLIQTCLENNIKFIRGAGDLSTTNNATKKKANSRSMDWLARGVFNKIRQLAPMHNITLFGCGS
LYTSHQDPLVHRNPDKAMKCRWAAIPVKDIGDWVLRKLSQNLRAKNIGTGEYYHQGVKEFLSHYELQDLEEELLKWRSDR
KSNIPCWVLQNRLAEKLGNKEAVVYIPVRGGRIYFATHKVATGAVSIVFDQKQVWVCNADHVAAANIALTVKGIGEQSSD
EENPDGSRIKLQLTS
;
A
2 'polyribonucleotide' GGAGAAAUCCGUCUUUCAUUGACGGAACAGAGCAAGCAGGGUGACAUUAUUUAAUCAA B
3 'polydeoxyribonucleotide' (DG)(DC)(DC)(DG)(DC)(DT)(DT)(DT)(DC)(DT)(DT) D
4 'polydeoxyribonucleotide'
;(DG)(DC)(DT)(DT)(DG)(DC)(DT)(DC)(DT)(DG)(DT)(DT)(DG)(DA)(DA)(DA)(DG)(DC)(DG)(DG)
(DC)
;
C
#
loop_
_chem_comp.id
_chem_comp.type
_chem_comp.name
_chem_comp.formula
A RNA linking ADENOSINE-5'-MONOPHOSPHATE 'C10 H14 N5 O7 P'
C RNA linking CYTIDINE-5'-MONOPHOSPHATE 'C9 H14 N3 O8 P'
DA DNA linking 2'-DEOXYADENOSINE-5'-MONOPHOSPHATE 'C10 H14 N5 O6 P'
DC DNA linking 2'-DEOXYCYTIDINE-5'-MONOPHOSPHATE 'C9 H14 N3 O7 P'
DG DNA linking 2'-DEOXYGUANOSINE-5'-MONOPHOSPHATE 'C10 H14 N5 O7 P'
DT DNA linking THYMIDINE-5'-MONOPHOSPHATE 'C10 H15 N2 O8 P'
G RNA linking GUANOSINE-5'-MONOPHOSPHATE 'C10 H14 N5 O8 P'
U RNA linking URIDINE-5'-MONOPHOSPHATE 'C9 H13 N2 O9 P'
#
# COMPACT_ATOMS: atom_id res chain seq x y z
N SER A 1 -9.27 12.41 -19.66
CA SER A 1 -8.07 12.29 -20.47
C SER A 1 -7.70 10.83 -20.70
N MET A 2 -6.43 10.49 -20.44
CA MET A 2 -5.93 9.14 -20.62
C MET A 2 -5.26 8.72 -19.31
N SER A 3 -5.74 7.62 -18.72
CA SER A 3 -5.19 7.11 -17.47
C SER A 3 -3.99 6.22 -17.72
N SER A 4 -2.98 6.32 -16.86
CA SER A 4 -1.73 5.61 -17.02
C SER A 4 -1.28 4.99 -15.70
N ALA A 5 -0.75 3.78 -15.79
CA ALA A 5 -0.21 3.04 -14.65
C ALA A 5 1.26 2.70 -14.92
N ILE A 6 1.90 2.10 -13.92
CA ILE A 6 3.31 1.74 -13.99
C ILE A 6 3.50 0.31 -13.49
N LYS A 7 4.06 -0.55 -14.34
CA LYS A 7 4.64 -1.82 -13.92
C LYS A 7 6.16 -1.70 -13.90
N SER A 8 6.81 -2.55 -13.09
CA SER A 8 8.25 -2.46 -12.95
C SER A 8 8.85 -3.85 -12.81
N TYR A 9 10.14 -3.93 -13.12
CA TYR A 9 10.90 -5.18 -13.05
C TYR A 9 12.20 -4.92 -12.32
N LYS A 10 12.71 -5.97 -11.66
CA LYS A 10 13.86 -5.84 -10.77
C LYS A 10 14.80 -7.02 -10.97
N SER A 11 16.10 -6.72 -11.00
CA SER A 11 17.11 -7.76 -11.14
C SER A 11 18.45 -7.16 -10.70
N VAL A 12 19.53 -7.92 -10.92
CA VAL A 12 20.86 -7.51 -10.54
C VAL A 12 21.75 -7.54 -11.79
N LEU A 13 22.61 -6.53 -11.91
CA LEU A 13 23.50 -6.42 -13.07
C LEU A 13 24.65 -7.40 -12.97
N ARG A 14 25.17 -7.79 -14.13
CA ARG A 14 26.27 -8.76 -14.25
C ARG A 14 27.37 -8.19 -15.13
N PRO A 15 28.14 -7.23 -14.62
CA PRO A 15 29.26 -6.70 -15.38
C PRO A 15 30.54 -7.49 -15.19
N ASN A 16 31.41 -7.43 -16.19
CA ASN A 16 32.74 -8.01 -16.07
C ASN A 16 33.58 -7.15 -15.12
N GLU A 17 34.84 -7.54 -14.94
CA GLU A 17 35.66 -6.90 -13.91
C GLU A 17 35.83 -5.40 -14.17
N ARG A 18 36.18 -5.05 -15.41
CA ARG A 18 36.53 -3.66 -15.71
C ARG A 18 35.29 -2.77 -15.69
N LYS A 19 34.21 -3.22 -16.33
CA LYS A 19 33.00 -2.40 -16.35
C LYS A 19 32.35 -2.34 -14.98
N ASN A 20 32.50 -3.37 -14.16
CA ASN A 20 32.03 -3.27 -12.78
C ASN A 20 32.84 -2.24 -12.01
N GLN A 21 34.15 -2.18 -12.22
CA GLN A 21 34.95 -1.14 -11.59
C GLN A 21 34.49 0.24 -12.00
N LEU A 22 34.24 0.43 -13.31
CA LEU A 22 33.74 1.72 -13.78
C LEU A 22 32.38 2.05 -13.18
N LEU A 23 31.48 1.07 -13.13
CA LEU A 23 30.15 1.31 -12.58
C LEU A 23 30.22 1.70 -11.10
N LYS A 24 31.03 0.98 -10.33
CA LYS A 24 31.18 1.33 -8.92
C LYS A 24 31.76 2.72 -8.76
N SER A 25 32.76 3.08 -9.58
CA SER A 25 33.35 4.41 -9.51
C SER A 25 32.32 5.48 -9.84
N THR A 26 31.50 5.25 -10.88
CA THR A 26 30.49 6.23 -11.26
C THR A 26 29.43 6.39 -10.17
N ILE A 27 28.95 5.29 -9.61
CA ILE A 27 27.93 5.38 -8.57
C ILE A 27 28.50 6.06 -7.34
N GLN A 28 29.76 5.78 -6.99
CA GLN A 28 30.38 6.45 -5.86
C GLN A 28 30.51 7.95 -6.12
N CYS A 29 30.87 8.32 -7.35
CA CYS A 29 30.93 9.73 -7.72
C CYS A 29 29.57 10.39 -7.53
N LEU A 30 28.51 9.74 -8.00
CA LEU A 30 27.17 10.30 -7.86
C LEU A 30 26.74 10.38 -6.39
N GLU A 31 27.11 9.39 -5.59
CA GLU A 31 26.76 9.41 -4.17
C GLU A 31 27.47 10.54 -3.44
N ASP A 32 28.76 10.74 -3.73
CA ASP A 32 29.48 11.87 -3.11
C ASP A 32 28.89 13.20 -3.56
N GLY A 33 28.56 13.32 -4.85
CA GLY A 33 27.92 14.54 -5.32
C GLY A 33 26.58 14.78 -4.66
N SER A 34 25.80 13.72 -4.47
CA SER A 34 24.52 13.86 -3.79
C SER A 34 24.72 14.31 -2.36
N ALA A 35 25.74 13.78 -1.68
CA ALA A 35 26.02 14.24 -0.32
C ALA A 35 26.37 15.72 -0.29
N PHE A 36 27.22 16.15 -1.24
CA PHE A 36 27.56 17.58 -1.29
C PHE A 36 26.33 18.43 -1.55
N PHE A 37 25.49 18.01 -2.50
CA PHE A 37 24.27 18.76 -2.81
C PHE A 37 23.34 18.80 -1.61
N PHE A 38 23.28 17.72 -0.85
CA PHE A 38 22.47 17.72 0.38
C PHE A 38 22.98 18.79 1.34
N LYS A 39 24.29 18.80 1.59
CA LYS A 39 24.84 19.77 2.53
C LYS A 39 24.62 21.19 2.02
N MET A 40 24.72 21.40 0.70
CA MET A 40 24.56 22.73 0.14
C MET A 40 23.09 23.18 0.18
N LEU A 41 22.20 22.36 -0.38
CA LEU A 41 20.79 22.71 -0.39
C LEU A 41 20.22 22.89 1.00
N GLN A 42 20.82 22.22 2.00
CA GLN A 42 20.41 22.46 3.38
C GLN A 42 20.57 23.95 3.72
N GLY A 43 21.74 24.52 3.41
CA GLY A 43 21.94 25.94 3.63
C GLY A 43 21.09 26.82 2.72
N LEU A 44 20.96 26.44 1.45
CA LEU A 44 20.10 27.20 0.53
C LEU A 44 18.69 27.34 1.10
N PHE A 45 18.09 26.22 1.50
CA PHE A 45 16.74 26.28 2.06
C PHE A 45 16.73 27.00 3.40
N GLY A 46 17.82 26.93 4.16
CA GLY A 46 17.93 27.77 5.34
C GLY A 46 17.99 29.25 5.02
N GLY A 47 18.25 29.61 3.78
CA GLY A 47 18.29 31.00 3.37
C GLY A 47 16.97 31.58 2.90
N ILE A 48 15.87 30.84 2.94
CA ILE A 48 14.60 31.33 2.41
C ILE A 48 14.06 32.42 3.32
N THR A 49 13.09 33.18 2.82
CA THR A 49 12.52 34.34 3.49
C THR A 49 11.01 34.20 3.52
N PRO A 50 10.34 34.90 4.45
CA PRO A 50 8.87 34.90 4.41
C PRO A 50 8.30 35.43 3.11
N GLU A 51 9.04 36.31 2.41
CA GLU A 51 8.60 36.83 1.12
C GLU A 51 8.50 35.71 0.09
N ILE A 52 9.50 34.83 0.03
CA ILE A 52 9.50 33.73 -0.93
C ILE A 52 8.35 32.78 -0.66
N VAL A 53 8.15 32.42 0.61
CA VAL A 53 7.07 31.52 0.97
C VAL A 53 5.72 32.16 0.68
N ARG A 54 5.63 33.48 0.89
CA ARG A 54 4.40 34.20 0.59
C ARG A 54 4.10 34.15 -0.90
N PHE A 55 5.12 34.34 -1.74
CA PHE A 55 4.92 34.25 -3.18
C PHE A 55 4.53 32.84 -3.61
N SER A 56 5.14 31.81 -3.03
CA SER A 56 4.90 30.44 -3.47
C SER A 56 3.63 29.84 -2.89
N THR A 57 2.90 30.58 -2.06
CA THR A 57 1.70 30.09 -1.39
C THR A 57 0.49 30.95 -1.75
N GLU A 58 0.71 32.03 -2.50
CA GLU A 58 -0.31 33.06 -2.67
C GLU A 58 -1.59 32.50 -3.31
N GLN A 59 -1.43 31.72 -4.37
CA GLN A 59 -2.59 31.19 -5.09
C GLN A 59 -3.09 29.87 -4.53
N GLU A 60 -2.58 29.45 -3.37
CA GLU A 60 -2.96 28.16 -2.81
C GLU A 60 -4.32 28.30 -2.13
N LYS A 61 -5.29 27.48 -2.55
CA LYS A 61 -6.68 27.68 -2.15
C LYS A 61 -7.00 27.13 -0.76
N GLN A 62 -6.12 27.40 0.20
CA GLN A 62 -6.33 27.10 1.61
C GLN A 62 -5.15 27.72 2.34
N GLN A 63 -5.38 28.46 3.42
CA GLN A 63 -4.33 29.31 3.95
C GLN A 63 -3.24 28.50 4.64
N GLN A 64 -1.99 28.92 4.45
CA GLN A 64 -0.83 28.22 4.95
C GLN A 64 -0.08 29.10 5.96
N ASP A 65 0.55 28.44 6.94
CA ASP A 65 1.27 29.13 8.02
C ASP A 65 2.69 29.38 7.52
N ILE A 66 2.97 30.63 7.15
CA ILE A 66 4.28 30.95 6.55
C ILE A 66 5.40 30.83 7.57
N ALA A 67 5.14 31.20 8.83
CA ALA A 67 6.18 31.12 9.85
C ALA A 67 6.65 29.69 10.04
N LEU A 68 5.71 28.73 10.09
CA LEU A 68 6.09 27.33 10.24
C LEU A 68 6.87 26.83 9.03
N TRP A 69 6.48 27.28 7.82
CA TRP A 69 7.19 26.88 6.61
C TRP A 69 8.62 27.39 6.62
N CYS A 70 8.82 28.61 7.14
CA CYS A 70 10.19 29.11 7.29
C CYS A 70 10.94 28.34 8.37
N ALA A 71 10.24 27.94 9.42
CA ALA A 71 10.89 27.20 10.50
C ALA A 71 11.45 25.89 10.00
N VAL A 72 10.61 25.08 9.35
CA VAL A 72 11.01 23.74 8.96
C VAL A 72 12.13 23.74 7.94
N ASN A 73 12.49 24.90 7.39
CA ASN A 73 13.65 25.02 6.52
C ASN A 73 14.83 25.68 7.21
N TRP A 74 14.57 26.51 8.23
CA TRP A 74 15.66 27.18 8.93
C TRP A 74 16.33 26.27 9.96
N PHE A 75 15.53 25.53 10.72
CA PHE A 75 16.03 24.63 11.75
C PHE A 75 15.53 23.23 11.45
N ARG A 76 16.44 22.27 11.36
CA ARG A 76 15.98 20.91 11.18
C ARG A 76 16.91 19.94 11.87
N PRO A 77 16.38 18.84 12.42
CA PRO A 77 17.26 17.76 12.87
C PRO A 77 18.00 17.14 11.70
N VAL A 78 19.26 16.77 11.95
CA VAL A 78 20.11 16.16 10.95
C VAL A 78 20.97 15.08 11.60
N SER A 79 21.38 14.12 10.79
CA SER A 79 22.49 13.27 11.15
C SER A 79 23.76 14.10 11.21
N GLN A 80 24.74 13.64 11.98
CA GLN A 80 25.95 14.43 12.15
C GLN A 80 26.80 14.48 10.88
N ASP A 81 26.29 13.90 9.79
CA ASP A 81 26.97 13.99 8.52
C ASP A 81 26.76 15.39 7.97
N SER A 82 25.52 15.87 8.08
CA SER A 82 25.17 17.20 7.58
C SER A 82 25.15 18.29 8.64
N LEU A 83 25.48 17.95 9.88
CA LEU A 83 25.50 18.91 10.97
C LEU A 83 26.68 19.85 10.84
N THR A 84 26.41 21.14 10.71
CA THR A 84 27.45 22.15 10.53
C THR A 84 27.36 23.31 11.50
N HIS A 85 26.15 23.67 11.94
CA HIS A 85 25.96 24.75 12.90
C HIS A 85 25.00 24.25 13.98
N THR A 86 25.56 23.59 14.99
CA THR A 86 24.73 23.05 16.06
C THR A 86 24.10 24.18 16.86
N ILE A 87 22.80 24.09 17.05
CA ILE A 87 22.06 25.00 17.92
C ILE A 87 21.48 24.17 19.05
N ALA A 88 21.49 24.74 20.26
CA ALA A 88 20.94 24.04 21.41
C ALA A 88 19.43 23.95 21.30
N SER A 89 18.87 22.99 22.04
CA SER A 89 17.43 22.77 22.02
C SER A 89 16.64 23.95 22.58
N ASP A 90 17.29 24.84 23.34
CA ASP A 90 16.60 25.90 24.05
C ASP A 90 16.73 27.28 23.42
N ASN A 91 17.65 27.46 22.47
CA ASN A 91 17.74 28.71 21.74
C ASN A 91 17.05 28.66 20.39
N LEU A 92 16.29 27.61 20.13
CA LEU A 92 15.54 27.51 18.87
C LEU A 92 14.53 28.65 18.75
N VAL A 93 13.70 28.83 19.77
CA VAL A 93 12.65 29.85 19.72
C VAL A 93 13.26 31.25 19.67
N GLU A 94 14.29 31.49 20.50
CA GLU A 94 14.90 32.80 20.58
C GLU A 94 15.49 33.22 19.24
N LYS A 95 16.31 32.35 18.65
CA LYS A 95 16.95 32.73 17.39
C LYS A 95 15.99 32.66 16.20
N PHE A 96 14.91 31.86 16.28
CA PHE A 96 13.88 32.00 15.26
C PHE A 96 13.22 33.37 15.33
N GLU A 97 12.87 33.83 16.53
CA GLU A 97 12.30 35.17 16.65
C GLU A 97 13.27 36.22 16.13
N GLU A 98 14.57 36.00 16.36
CA GLU A 98 15.57 36.89 15.79
C GLU A 98 15.51 36.90 14.26
N TYR A 99 15.44 35.72 13.64
CA TYR A 99 15.44 35.62 12.18
C TYR A 99 14.15 36.18 11.58
N TYR A 100 13.00 35.70 12.04
CA TYR A 100 11.72 36.06 11.44
C TYR A 100 11.28 37.46 11.81
N GLY A 101 11.68 37.95 12.98
CA GLY A 101 11.32 39.28 13.41
C GLY A 101 9.92 39.36 14.00
N GLY A 102 9.62 38.43 14.90
CA GLY A 102 8.31 38.42 15.53
C GLY A 102 8.21 37.20 16.42
N THR A 103 7.17 37.21 17.26
CA THR A 103 6.97 36.10 18.18
C THR A 103 6.64 34.82 17.41
N ALA A 104 7.22 33.71 17.86
CA ALA A 104 6.95 32.42 17.25
C ALA A 104 5.57 31.93 17.66
N SER A 105 4.75 31.55 16.69
CA SER A 105 3.41 31.05 16.98
C SER A 105 3.50 29.72 17.73
N ASP A 106 2.34 29.18 18.09
CA ASP A 106 2.35 27.96 18.90
C ASP A 106 2.76 26.74 18.09
N ALA A 107 2.47 26.71 16.79
CA ALA A 107 2.83 25.54 15.98
C ALA A 107 4.33 25.37 15.89
N ILE A 108 5.04 26.45 15.56
CA ILE A 108 6.50 26.42 15.52
C ILE A 108 7.08 26.12 16.90
N LYS A 109 6.47 26.67 17.95
CA LYS A 109 6.94 26.39 19.31
C LYS A 109 6.77 24.92 19.66
N GLN A 110 5.72 24.28 19.13
CA GLN A 110 5.55 22.84 19.33
C GLN A 110 6.57 22.05 18.51
N TYR A 111 6.90 22.54 17.32
CA TYR A 111 7.90 21.86 16.50
C TYR A 111 9.26 21.85 17.19
N PHE A 112 9.62 22.96 17.85
CA PHE A 112 10.91 22.99 18.53
C PHE A 112 10.92 22.17 19.82
N SER A 113 9.79 22.07 20.51
CA SER A 113 9.75 21.40 21.80
C SER A 113 9.67 19.89 21.69
N ALA A 114 9.45 19.34 20.50
CA ALA A 114 9.34 17.90 20.34
C ALA A 114 10.72 17.26 20.46
N SER A 115 10.72 15.99 20.91
CA SER A 115 11.96 15.25 21.02
C SER A 115 12.52 14.94 19.65
N ILE A 116 13.83 14.74 19.60
CA ILE A 116 14.48 14.21 18.40
C ILE A 116 15.16 12.91 18.77
N GLY A 117 15.31 12.03 17.78
CA GLY A 117 15.90 10.74 18.04
C GLY A 117 17.34 10.83 18.45
N GLU A 118 17.82 9.78 19.10
CA GLU A 118 19.22 9.70 19.46
C GLU A 118 20.07 9.57 18.20
N SER A 119 21.21 10.28 18.20
CA SER A 119 22.15 10.48 17.09
C SER A 119 21.70 11.57 16.11
N TYR A 120 20.53 12.19 16.31
CA TYR A 120 20.09 13.31 15.50
C TYR A 120 20.20 14.60 16.31
N TYR A 121 20.68 15.66 15.66
CA TYR A 121 20.94 16.93 16.33
C TYR A 121 20.30 18.07 15.57
N TRP A 122 19.88 19.11 16.28
CA TRP A 122 19.33 20.29 15.62
C TRP A 122 20.41 21.04 14.84
N ASN A 123 20.05 21.52 13.67
CA ASN A 123 20.92 22.36 12.86
C ASN A 123 20.20 23.65 12.50
N ASP A 124 20.89 24.77 12.68
CA ASP A 124 20.47 26.10 12.24
C ASP A 124 20.95 26.29 10.81
N CYS A 125 20.04 26.17 9.86
CA CYS A 125 20.41 26.25 8.45
C CYS A 125 20.57 27.67 7.96
N ARG A 126 19.98 28.66 8.64
CA ARG A 126 20.23 30.06 8.27
C ARG A 126 21.66 30.48 8.57
N GLN A 127 22.20 30.08 9.72
CA GLN A 127 23.61 30.34 9.99
C GLN A 127 24.49 29.62 8.97
N GLN A 128 24.07 28.42 8.56
CA GLN A 128 24.77 27.72 7.49
C GLN A 128 24.69 28.50 6.18
N TYR A 129 23.56 29.13 5.91
CA TYR A 129 23.41 29.92 4.69
C TYR A 129 24.34 31.13 4.71
N TYR A 130 24.47 31.76 5.88
CA TYR A 130 25.41 32.87 6.03
C TYR A 130 26.84 32.41 5.78
N ASP A 131 27.23 31.28 6.38
CA ASP A 131 28.56 30.75 6.12
C ASP A 131 28.73 30.33 4.67
N LEU A 132 27.65 29.91 4.02
CA LEU A 132 27.69 29.61 2.59
C LEU A 132 27.97 30.85 1.77
N CYS A 133 27.32 31.97 2.12
CA CYS A 133 27.60 33.23 1.45
C CYS A 133 29.05 33.63 1.64
N ARG A 134 29.58 33.45 2.85
CA ARG A 134 30.99 33.75 3.10
C ARG A 134 31.90 32.88 2.25
N GLU A 135 31.65 31.57 2.25
CA GLU A 135 32.51 30.63 1.53
C GLU A 135 32.45 30.86 0.02
N LEU A 136 31.29 31.29 -0.48
CA LEU A 136 31.18 31.63 -1.89
C LEU A 136 31.87 32.94 -2.20
N GLY A 137 32.00 33.82 -1.21
CA GLY A 137 32.58 35.13 -1.45
C GLY A 137 31.61 36.14 -2.03
N VAL A 138 30.33 36.05 -1.67
CA VAL A 138 29.30 36.92 -2.21
C VAL A 138 28.47 37.48 -1.05
N GLU A 139 27.75 38.56 -1.34
CA GLU A 139 26.92 39.19 -0.33
C GLU A 139 25.68 38.34 -0.05
N VAL A 140 25.17 38.47 1.17
CA VAL A 140 24.01 37.67 1.58
C VAL A 140 22.80 38.01 0.70
N SER A 141 22.62 39.30 0.39
CA SER A 141 21.45 39.70 -0.38
C SER A 141 21.56 39.30 -1.85
N ASP A 142 22.77 39.22 -2.40
CA ASP A 142 22.92 38.74 -3.78
C ASP A 142 22.46 37.30 -3.91
N LEU A 143 22.90 36.45 -2.98
CA LEU A 143 22.48 35.06 -3.01
C LEU A 143 21.00 34.94 -2.67
N THR A 144 20.46 35.83 -1.83
CA THR A 144 19.02 35.84 -1.61
C THR A 144 18.27 36.21 -2.89
N HIS A 145 18.83 37.12 -3.68
CA HIS A 145 18.22 37.46 -4.97
C HIS A 145 18.14 36.23 -5.87
N ASP A 146 19.26 35.52 -6.02
CA ASP A 146 19.22 34.30 -6.84
C ASP A 146 18.31 33.24 -6.22
N LEU A 147 18.22 33.17 -4.89
CA LEU A 147 17.31 32.23 -4.26
C LEU A 147 15.86 32.55 -4.59
N GLU A 148 15.49 33.83 -4.55
CA GLU A 148 14.14 34.24 -4.94
C GLU A 148 13.86 33.87 -6.39
N ILE A 149 14.85 34.08 -7.27
CA ILE A 149 14.67 33.72 -8.67
C ILE A 149 14.45 32.22 -8.80
N LEU A 150 15.27 31.43 -8.10
CA LEU A 150 15.16 29.96 -8.21
C LEU A 150 13.81 29.47 -7.71
N CYS A 151 13.33 30.01 -6.59
CA CYS A 151 12.04 29.57 -6.08
C CYS A 151 10.89 30.05 -6.95
N ARG A 152 11.06 31.18 -7.63
CA ARG A 152 9.99 31.67 -8.50
C ARG A 152 9.90 30.86 -9.78
N GLU A 153 11.03 30.35 -10.28
CA GLU A 153 11.07 29.51 -11.47
C GLU A 153 10.75 28.04 -11.17
N LYS A 154 10.28 27.74 -9.96
CA LYS A 154 9.98 26.38 -9.53
C LYS A 154 11.18 25.46 -9.72
N CYS A 155 12.37 26.03 -9.64
CA CYS A 155 13.59 25.23 -9.62
C CYS A 155 13.78 24.54 -8.28
N LEU A 156 13.13 25.04 -7.23
CA LEU A 156 13.18 24.46 -5.90
C LEU A 156 11.78 24.22 -5.37
N ALA A 157 11.64 23.21 -4.53
CA ALA A 157 10.37 22.94 -3.91
C ALA A 157 10.21 23.88 -2.73
N VAL A 158 9.28 24.81 -2.82
CA VAL A 158 8.98 25.73 -1.72
C VAL A 158 7.60 25.32 -1.21
N ALA A 159 7.46 25.27 0.11
CA ALA A 159 6.28 24.74 0.82
C ALA A 159 5.22 23.93 0.06
N THR A 160 4.18 24.56 -0.47
CA THR A 160 3.16 23.79 -1.19
C THR A 160 3.41 23.69 -2.67
N GLU A 161 4.39 24.44 -3.15
CA GLU A 161 4.71 24.48 -4.55
C GLU A 161 5.76 23.46 -4.90
N SER A 162 5.45 22.51 -5.77
CA SER A 162 6.45 21.50 -6.11
C SER A 162 7.53 22.08 -7.03
N ASN A 163 8.61 21.33 -7.22
CA ASN A 163 9.68 21.76 -8.11
C ASN A 163 9.44 21.27 -9.54
N GLN A 164 10.07 21.89 -10.53
CA GLN A 164 9.80 21.47 -11.89
C GLN A 164 10.17 20.04 -12.24
N ASN A 165 11.37 19.63 -11.83
CA ASN A 165 12.05 18.32 -11.98
C ASN A 165 13.51 18.64 -11.70
N ASN A 166 14.46 18.03 -12.41
CA ASN A 166 15.83 18.45 -12.12
C ASN A 166 16.26 19.63 -13.00
N SER A 167 15.29 20.44 -13.44
CA SER A 167 15.52 21.58 -14.33
C SER A 167 16.38 22.69 -13.71
N ILE A 168 16.61 22.68 -12.40
CA ILE A 168 17.50 23.69 -11.82
C ILE A 168 18.87 23.62 -12.48
N ILE A 169 19.32 22.41 -12.82
CA ILE A 169 20.65 22.23 -13.40
C ILE A 169 20.75 22.99 -14.72
N SER A 170 19.78 22.79 -15.61
CA SER A 170 19.82 23.49 -16.90
C SER A 170 19.57 24.98 -16.73
N VAL A 171 18.66 25.36 -15.85
CA VAL A 171 18.30 26.77 -15.74
C VAL A 171 19.46 27.59 -15.19
N LEU A 172 20.14 27.08 -14.17
CA LEU A 172 21.18 27.87 -13.52
C LEU A 172 22.57 27.60 -14.09
N PHE A 173 22.91 26.34 -14.36
CA PHE A 173 24.23 25.97 -14.83
C PHE A 173 24.27 25.65 -16.32
N GLY A 174 23.16 25.79 -17.03
CA GLY A 174 23.12 25.44 -18.43
C GLY A 174 24.01 26.33 -19.29
N THR A 175 24.37 25.80 -20.45
CA THR A 175 25.31 26.46 -21.34
C THR A 175 24.70 26.91 -22.66
N GLY A 176 23.45 26.55 -22.94
CA GLY A 176 22.83 26.88 -24.21
C GLY A 176 22.18 28.25 -24.19
N GLU A 177 21.42 28.51 -25.25
CA GLU A 177 20.75 29.79 -25.43
C GLU A 177 19.36 29.74 -24.81
N LYS A 178 19.06 30.69 -23.94
CA LYS A 178 17.80 30.73 -23.23
C LYS A 178 16.70 31.29 -24.12
N GLU A 179 15.50 31.41 -23.57
CA GLU A 179 14.35 31.93 -24.31
C GLU A 179 14.46 33.44 -24.44
N ASP A 180 13.43 34.06 -25.01
CA ASP A 180 13.33 35.52 -25.07
C ASP A 180 12.04 35.86 -24.32
N ARG A 181 12.16 36.06 -23.01
CA ARG A 181 11.01 36.14 -22.13
C ARG A 181 10.16 37.37 -22.42
N SER A 182 10.77 38.44 -22.92
CA SER A 182 10.04 39.68 -23.15
C SER A 182 8.92 39.49 -24.17
N VAL A 183 9.21 38.81 -25.28
CA VAL A 183 8.20 38.59 -26.31
C VAL A 183 7.05 37.76 -25.77
N LYS A 184 7.37 36.67 -25.05
CA LYS A 184 6.32 35.83 -24.48
C LYS A 184 5.43 36.63 -23.55
N LEU A 185 6.04 37.42 -22.66
CA LEU A 185 5.27 38.19 -21.69
C LEU A 185 4.39 39.22 -22.39
N ARG A 186 4.94 39.91 -23.39
CA ARG A 186 4.19 40.95 -24.09
C ARG A 186 3.00 40.36 -24.84
N ILE A 187 3.24 39.33 -25.64
CA ILE A 187 2.14 38.70 -26.38
C ILE A 187 1.09 38.17 -25.41
N THR A 188 1.53 37.56 -24.31
CA THR A 188 0.57 36.99 -23.37
C THR A 188 -0.31 38.08 -22.76
N LYS A 189 0.28 39.21 -22.35
CA LYS A 189 -0.54 40.28 -21.77
C LYS A 189 -1.47 40.90 -22.80
N LYS A 190 -0.99 41.09 -24.02
CA LYS A 190 -1.84 41.65 -25.07
C LYS A 190 -3.06 40.77 -25.32
N ILE A 191 -2.84 39.45 -25.45
CA ILE A 191 -4.00 38.60 -25.72
C ILE A 191 -4.87 38.47 -24.48
N LEU A 192 -4.29 38.56 -23.28
CA LEU A 192 -5.12 38.48 -22.09
C LEU A 192 -6.08 39.67 -22.00
N GLU A 193 -5.58 40.88 -22.30
CA GLU A 193 -6.48 42.02 -22.29
C GLU A 193 -7.48 41.94 -23.45
N ALA A 194 -7.02 41.48 -24.63
CA ALA A 194 -7.92 41.39 -25.78
C ALA A 194 -8.99 40.32 -25.60
N ILE A 195 -8.79 39.37 -24.69
CA ILE A 195 -9.79 38.34 -24.44
C ILE A 195 -10.63 38.62 -23.18
N SER A 196 -10.12 39.44 -22.25
CA SER A 196 -10.82 39.64 -20.99
C SER A 196 -12.09 40.47 -21.15
N ASN A 197 -12.20 41.29 -22.19
CA ASN A 197 -13.35 42.17 -22.39
C ASN A 197 -13.85 41.98 -23.82
N LEU A 198 -14.74 40.99 -24.01
CA LEU A 198 -15.29 40.68 -25.32
C LEU A 198 -16.76 41.05 -25.39
N LYS A 199 -17.22 41.35 -26.61
CA LYS A 199 -18.64 41.64 -26.82
C LYS A 199 -19.46 40.37 -26.99
N GLU A 200 -18.84 39.29 -27.46
CA GLU A 200 -19.54 38.01 -27.61
C GLU A 200 -18.55 36.88 -27.41
N ILE A 201 -18.82 36.01 -26.44
CA ILE A 201 -17.98 34.84 -26.20
C ILE A 201 -18.35 33.76 -27.23
N PRO A 202 -17.42 33.34 -28.08
CA PRO A 202 -17.76 32.34 -29.10
C PRO A 202 -17.99 30.97 -28.50
N LYS A 203 -18.50 30.07 -29.33
CA LYS A 203 -18.66 28.67 -28.96
C LYS A 203 -17.55 27.78 -29.50
N ASN A 204 -16.80 28.25 -30.50
CA ASN A 204 -15.63 27.56 -31.00
C ASN A 204 -14.39 28.40 -30.71
N VAL A 205 -13.24 27.94 -31.20
CA VAL A 205 -11.97 28.57 -30.91
C VAL A 205 -11.38 29.33 -32.09
N ALA A 206 -11.98 29.21 -33.28
CA ALA A 206 -11.44 29.92 -34.45
C ALA A 206 -11.35 31.43 -34.24
N PRO A 207 -12.37 32.13 -33.71
CA PRO A 207 -12.21 33.58 -33.49
C PRO A 207 -11.06 33.91 -32.55
N ILE A 208 -10.89 33.14 -31.47
CA ILE A 208 -9.81 33.39 -30.54
C ILE A 208 -8.45 33.09 -31.18
N GLN A 209 -8.40 32.05 -32.01
CA GLN A 209 -7.17 31.76 -32.74
C GLN A 209 -6.79 32.91 -33.65
N GLU A 210 -7.77 33.48 -34.38
CA GLU A 210 -7.48 34.61 -35.24
C GLU A 210 -7.05 35.83 -34.41
N ILE A 211 -7.67 36.02 -33.24
CA ILE A 211 -7.29 37.13 -32.37
C ILE A 211 -5.85 36.99 -31.93
N ILE A 212 -5.47 35.79 -31.50
CA ILE A 212 -4.09 35.54 -31.06
C ILE A 212 -3.11 35.78 -32.20
N LEU A 213 -3.43 35.26 -33.39
CA LEU A 213 -2.53 35.43 -34.52
C LEU A 213 -2.39 36.90 -34.91
N ASN A 214 -3.49 37.66 -34.85
CA ASN A 214 -3.41 39.09 -35.13
C ASN A 214 -2.57 39.82 -34.10
N VAL A 215 -2.72 39.46 -32.83
CA VAL A 215 -1.94 40.12 -31.78
C VAL A 215 -0.45 39.84 -31.94
N ALA A 216 -0.09 38.56 -32.08
CA ALA A 216 1.31 38.19 -32.26
C ALA A 216 1.81 38.48 -33.66
N LYS A 217 0.91 38.82 -34.60
CA LYS A 217 1.27 39.11 -35.98
C LYS A 217 2.04 37.94 -36.59
N ALA A 218 1.34 36.81 -36.69
CA ALA A 218 1.89 35.59 -37.27
C ALA A 218 0.75 34.78 -37.87
N THR A 219 1.10 33.65 -38.45
CA THR A 219 0.15 32.71 -39.00
C THR A 219 0.11 31.45 -38.13
N LYS A 220 -0.79 30.54 -38.49
CA LYS A 220 -0.87 29.26 -37.79
C LYS A 220 0.39 28.43 -37.99
N GLU A 221 1.15 28.70 -39.05
CA GLU A 221 2.39 27.97 -39.32
C GLU A 221 3.64 28.66 -38.80
N THR A 222 3.52 29.86 -38.24
CA THR A 222 4.69 30.59 -37.76
C THR A 222 4.60 30.99 -36.30
N PHE A 223 3.54 30.60 -35.59
CA PHE A 223 3.36 31.08 -34.21
C PHE A 223 4.46 30.59 -33.29
N ARG A 224 4.90 29.34 -33.46
CA ARG A 224 5.97 28.82 -32.62
C ARG A 224 7.25 29.63 -32.77
N GLN A 225 7.58 30.03 -34.00
CA GLN A 225 8.76 30.85 -34.22
C GLN A 225 8.60 32.25 -33.63
N VAL A 226 7.40 32.81 -33.73
CA VAL A 226 7.17 34.18 -33.27
C VAL A 226 7.08 34.22 -31.74
N TYR A 227 6.31 33.32 -31.14
CA TYR A 227 6.09 33.37 -29.71
C TYR A 227 7.25 32.74 -28.95
N ALA A 228 7.48 31.44 -29.16
CA ALA A 228 8.45 30.69 -28.37
C ALA A 228 9.84 30.71 -28.97
N GLY A 229 10.03 31.35 -30.12
CA GLY A 229 11.32 31.30 -30.77
C GLY A 229 11.75 29.90 -31.17
N ASN A 230 10.78 29.00 -31.39
CA ASN A 230 11.04 27.63 -31.80
C ASN A 230 11.85 26.85 -30.78
N LEU A 231 11.67 27.15 -29.49
CA LEU A 231 12.50 26.58 -28.43
C LEU A 231 11.63 26.02 -27.33
N GLY A 232 11.95 24.81 -26.87
CA GLY A 232 11.26 24.19 -25.75
C GLY A 232 10.03 23.40 -26.14
N ALA A 233 9.42 22.80 -25.12
CA ALA A 233 8.20 22.05 -25.32
C ALA A 233 7.06 23.01 -25.73
N PRO A 234 6.07 22.51 -26.46
CA PRO A 234 4.97 23.39 -26.89
C PRO A 234 4.25 24.01 -25.70
N SER A 235 3.91 25.28 -25.83
CA SER A 235 3.20 26.01 -24.80
C SER A 235 1.70 25.75 -24.92
N THR A 236 0.94 26.29 -23.96
CA THR A 236 -0.52 26.17 -24.02
C THR A 236 -1.07 26.93 -25.23
N LEU A 237 -0.54 28.12 -25.49
CA LEU A 237 -0.99 28.89 -26.66
C LEU A 237 -0.67 28.16 -27.96
N GLU A 238 0.49 27.53 -28.03
CA GLU A 238 0.87 26.83 -29.25
C GLU A 238 -0.06 25.65 -29.52
N LYS A 239 -0.38 24.89 -28.47
CA LYS A 239 -1.35 23.80 -28.62
C LYS A 239 -2.75 24.33 -28.89
N PHE A 240 -3.04 25.56 -28.45
CA PHE A 240 -4.36 26.15 -28.70
C PHE A 240 -4.49 26.60 -30.14
N ILE A 241 -3.42 27.16 -30.70
CA ILE A 241 -3.42 27.52 -32.12
C ILE A 241 -3.48 26.27 -32.98
N ALA A 242 -2.79 25.20 -32.54
CA ALA A 242 -2.72 23.98 -33.35
C ALA A 242 -4.06 23.24 -33.42
N LYS A 243 -4.94 23.42 -32.45
CA LYS A 243 -6.14 22.58 -32.40
C LYS A 243 -7.17 23.02 -33.44
N ASP A 244 -8.16 22.18 -33.66
CA ASP A 244 -9.20 22.44 -34.65
C ASP A 244 -10.02 23.66 -34.23
N GLY A 245 -10.43 24.44 -35.24
CA GLY A 245 -11.15 25.68 -34.99
C GLY A 245 -12.61 25.47 -34.67
N GLN A 246 -13.01 24.20 -34.48
CA GLN A 246 -14.39 23.85 -34.20
C GLN A 246 -14.62 23.35 -32.78
N LYS A 247 -13.57 23.09 -32.02
CA LYS A 247 -13.71 22.56 -30.67
C LYS A 247 -14.32 23.60 -29.75
N GLU A 248 -14.94 23.12 -28.66
CA GLU A 248 -15.50 24.06 -27.69
C GLU A 248 -14.41 24.95 -27.11
N PHE A 249 -14.80 26.17 -26.77
CA PHE A 249 -13.91 27.17 -26.20
C PHE A 249 -14.18 27.31 -24.71
N ASP A 250 -13.10 27.33 -23.92
CA ASP A 250 -13.19 27.44 -22.47
C ASP A 250 -12.49 28.73 -22.06
N LEU A 251 -13.27 29.80 -21.89
CA LEU A 251 -12.68 31.11 -21.60
C LEU A 251 -11.97 31.14 -20.27
N LYS A 252 -12.59 30.57 -19.23
CA LYS A 252 -11.99 30.61 -17.89
C LYS A 252 -10.65 29.88 -17.87
N LYS A 253 -10.57 28.73 -18.54
CA LYS A 253 -9.33 27.96 -18.56
C LYS A 253 -8.21 28.75 -19.24
N LEU A 254 -8.50 29.34 -20.39
CA LEU A 254 -7.48 30.10 -21.11
C LEU A 254 -7.05 31.33 -20.30
N GLN A 255 -7.99 32.00 -19.65
CA GLN A 255 -7.64 33.14 -18.81
C GLN A 255 -6.74 32.71 -17.66
N THR A 256 -7.06 31.58 -17.01
CA THR A 256 -6.23 31.09 -15.93
C THR A 256 -4.83 30.76 -16.42
N ASP A 257 -4.72 30.13 -17.58
CA ASP A 257 -3.41 29.78 -18.13
C ASP A 257 -2.60 31.01 -18.46
N LEU A 258 -3.24 32.03 -19.05
CA LEU A 258 -2.54 33.27 -19.35
C LEU A 258 -2.06 33.94 -18.07
N LYS A 259 -2.89 33.95 -17.03
CA LYS A 259 -2.48 34.54 -15.76
C LYS A 259 -1.29 33.79 -15.16
N LYS A 260 -1.31 32.45 -15.24
CA LYS A 260 -0.19 31.67 -14.74
C LYS A 260 1.09 32.01 -15.51
N VAL A 261 0.99 32.10 -16.84
CA VAL A 261 2.17 32.39 -17.65
C VAL A 261 2.70 33.78 -17.33
N ILE A 262 1.81 34.75 -17.14
CA ILE A 262 2.24 36.12 -16.81
C ILE A 262 2.92 36.14 -15.46
N ARG A 263 2.35 35.45 -14.47
CA ARG A 263 2.97 35.41 -13.14
C ARG A 263 4.35 34.74 -13.20
N GLY A 264 4.48 33.71 -14.02
CA GLY A 264 5.75 33.00 -14.09
C GLY A 264 6.85 33.77 -14.80
N LYS A 265 6.50 34.57 -15.80
CA LYS A 265 7.50 35.25 -16.62
C LYS A 265 7.51 36.76 -16.40
N SER A 266 7.01 37.23 -15.25
CA SER A 266 7.00 38.66 -14.97
C SER A 266 8.42 39.20 -14.80
N LYS A 267 9.25 38.48 -14.06
CA LYS A 267 10.66 38.86 -13.87
C LYS A 267 11.56 37.90 -14.64
N GLU A 268 12.65 38.44 -15.18
CA GLU A 268 13.60 37.63 -15.92
C GLU A 268 14.49 36.87 -14.94
N ARG A 269 15.55 36.26 -15.45
CA ARG A 269 16.41 35.41 -14.65
C ARG A 269 17.82 35.94 -14.63
N ASP A 270 17.96 37.26 -14.40
CA ASP A 270 19.27 37.89 -14.43
C ASP A 270 19.98 37.59 -13.11
N TRP A 271 21.07 36.83 -13.18
CA TRP A 271 21.71 36.29 -11.98
C TRP A 271 22.79 37.23 -11.46
N CYS A 272 23.12 37.02 -10.18
CA CYS A 272 24.25 37.68 -9.52
C CYS A 272 25.34 36.69 -9.13
N CYS A 273 24.96 35.60 -8.47
CA CYS A 273 25.90 34.64 -7.92
C CYS A 273 25.99 33.37 -8.76
N GLN A 274 25.67 33.46 -10.05
CA GLN A 274 25.64 32.26 -10.89
C GLN A 274 27.02 31.61 -10.98
N GLU A 275 28.04 32.41 -11.30
CA GLU A 275 29.33 31.82 -11.64
C GLU A 275 30.05 31.30 -10.41
N GLU A 276 29.92 31.99 -9.28
CA GLU A 276 30.50 31.48 -8.03
C GLU A 276 29.84 30.17 -7.63
N LEU A 277 28.52 30.07 -7.78
CA LEU A 277 27.84 28.81 -7.50
C LEU A 277 28.32 27.70 -8.41
N ARG A 278 28.48 27.99 -9.70
CA ARG A 278 28.94 26.97 -10.63
C ARG A 278 30.34 26.50 -10.30
N SER A 279 31.24 27.44 -9.99
CA SER A 279 32.60 27.08 -9.61
C SER A 279 32.62 26.25 -8.33
N TYR A 280 31.79 26.63 -7.35
CA TYR A 280 31.67 25.89 -6.10
C TYR A 280 31.27 24.44 -6.36
N VAL A 281 30.19 24.25 -7.14
CA VAL A 281 29.70 22.91 -7.42
C VAL A 281 30.73 22.11 -8.21
N GLU A 282 31.31 22.72 -9.24
CA GLU A 282 32.26 22.00 -10.10
C GLU A 282 33.51 21.60 -9.32
N GLN A 283 34.04 22.50 -8.49
CA GLN A 283 35.19 22.16 -7.66
C GLN A 283 34.84 21.04 -6.68
N ASN A 284 33.62 21.07 -6.15
CA ASN A 284 33.27 20.08 -5.13
C ASN A 284 32.76 18.75 -5.68
N THR A 285 32.01 18.72 -6.79
CA THR A 285 31.65 17.40 -7.26
C THR A 285 32.51 16.92 -8.44
N ILE A 286 32.21 17.39 -9.64
CA ILE A 286 32.87 17.02 -10.89
C ILE A 286 32.66 18.10 -11.94
N GLN A 287 33.34 17.96 -13.06
CA GLN A 287 33.08 18.83 -14.21
C GLN A 287 31.61 18.73 -14.62
N TYR A 288 31.12 19.81 -15.23
CA TYR A 288 29.69 19.95 -15.48
C TYR A 288 29.15 18.86 -16.39
N ASP A 289 28.20 18.08 -15.87
CA ASP A 289 27.40 17.18 -16.69
C ASP A 289 25.96 17.32 -16.25
N LEU A 290 25.06 17.55 -17.20
CA LEU A 290 23.67 17.83 -16.86
C LEU A 290 23.01 16.64 -16.18
N TRP A 291 23.25 15.44 -16.70
CA TRP A 291 22.60 14.26 -16.12
C TRP A 291 23.12 13.95 -14.73
N ALA A 292 24.44 14.00 -14.53
CA ALA A 292 25.01 13.64 -13.23
C ALA A 292 24.61 14.64 -12.16
N TRP A 293 24.77 15.93 -12.45
CA TRP A 293 24.33 16.96 -11.51
C TRP A 293 22.83 16.86 -11.26
N GLY A 294 22.07 16.53 -12.29
CA GLY A 294 20.64 16.33 -12.10
C GLY A 294 20.35 15.22 -11.11
N GLU A 295 21.06 14.09 -11.23
CA GLU A 295 20.84 12.97 -10.32
C GLU A 295 21.22 13.33 -8.89
N MET A 296 22.36 13.99 -8.72
CA MET A 296 22.78 14.43 -7.38
C MET A 296 21.74 15.36 -6.77
N PHE A 297 21.32 16.37 -7.54
CA PHE A 297 20.32 17.31 -7.05
C PHE A 297 19.02 16.61 -6.73
N ASN A 298 18.59 15.68 -7.57
CA ASN A 298 17.32 15.01 -7.33
C ASN A 298 17.37 14.28 -5.99
N LYS A 299 18.43 13.49 -5.79
CA LYS A 299 18.55 12.75 -4.53
C LYS A 299 18.50 13.69 -3.34
N ALA A 300 19.36 14.72 -3.35
CA ALA A 300 19.45 15.62 -2.20
C ALA A 300 18.15 16.37 -1.98
N HIS A 301 17.59 16.93 -3.05
CA HIS A 301 16.41 17.76 -2.96
C HIS A 301 15.20 16.99 -2.45
N THR A 302 14.97 15.79 -3.01
CA THR A 302 13.87 14.96 -2.52
C THR A 302 14.06 14.65 -1.04
N ALA A 303 15.27 14.23 -0.66
CA ALA A 303 15.52 13.87 0.73
C ALA A 303 15.22 15.05 1.67
N LEU A 304 15.50 16.28 1.21
CA LEU A 304 15.26 17.43 2.07
C LEU A 304 13.77 17.79 2.11
N LYS A 305 13.13 17.84 0.95
CA LYS A 305 11.77 18.38 0.88
C LYS A 305 10.77 17.45 1.55
N ILE A 306 10.97 16.13 1.48
CA ILE A 306 10.01 15.24 2.11
C ILE A 306 9.96 15.52 3.61
N LYS A 307 11.12 15.73 4.23
CA LYS A 307 11.15 15.98 5.67
C LYS A 307 10.64 17.38 5.99
N SER A 308 10.95 18.37 5.15
CA SER A 308 10.38 19.70 5.36
C SER A 308 8.86 19.64 5.45
N THR A 309 8.24 19.02 4.44
CA THR A 309 6.78 18.92 4.42
C THR A 309 6.25 18.11 5.59
N ARG A 310 6.89 16.96 5.88
CA ARG A 310 6.40 16.10 6.95
C ARG A 310 6.44 16.83 8.29
N ASN A 311 7.52 17.58 8.55
CA ASN A 311 7.64 18.28 9.82
C ASN A 311 6.64 19.43 9.90
N TYR A 312 6.39 20.11 8.77
CA TYR A 312 5.36 21.12 8.75
C TYR A 312 4.01 20.56 9.20
N ASN A 313 3.60 19.42 8.62
CA ASN A 313 2.32 18.85 9.03
C ASN A 313 2.38 18.33 10.47
N PHE A 314 3.52 17.80 10.88
CA PHE A 314 3.64 17.23 12.22
C PHE A 314 3.49 18.28 13.29
N ALA A 315 4.00 19.50 13.03
CA ALA A 315 3.86 20.57 14.02
C ALA A 315 2.38 20.92 14.25
N LYS A 316 1.60 21.03 13.17
CA LYS A 316 0.18 21.34 13.33
C LYS A 316 -0.57 20.20 14.02
N GLN A 317 -0.25 18.95 13.68
CA GLN A 317 -0.88 17.82 14.35
C GLN A 317 -0.55 17.82 15.84
N ARG A 318 0.71 18.13 16.18
CA ARG A 318 1.12 18.20 17.58
C ARG A 318 0.44 19.34 18.31
N LEU A 319 0.21 20.47 17.62
CA LEU A 319 -0.52 21.57 18.22
C LEU A 319 -1.96 21.17 18.55
N GLU A 320 -2.63 20.47 17.61
CA GLU A 320 -3.98 19.99 17.90
C GLU A 320 -3.98 19.01 19.06
N GLN A 321 -3.01 18.10 19.12
CA GLN A 321 -2.91 17.19 20.26
C GLN A 321 -2.74 17.96 21.55
N PHE A 322 -1.86 18.97 21.56
CA PHE A 322 -1.61 19.75 22.76
C PHE A 322 -2.86 20.49 23.22
N LYS A 323 -3.63 21.03 22.27
CA LYS A 323 -4.86 21.72 22.64
C LYS A 323 -5.89 20.74 23.20
N GLU A 324 -6.02 19.55 22.61
CA GLU A 324 -6.95 18.57 23.15
C GLU A 324 -6.47 18.00 24.49
N ILE A 325 -5.17 18.10 24.79
CA ILE A 325 -4.68 17.74 26.12
C ILE A 325 -5.21 18.72 27.16
N GLN A 326 -5.09 20.02 26.89
CA GLN A 326 -5.44 21.06 27.84
C GLN A 326 -6.94 21.40 27.82
N SER A 327 -7.77 20.54 27.24
CA SER A 327 -9.22 20.66 27.36
C SER A 327 -9.80 19.65 28.33
N LEU A 328 -9.33 18.41 28.27
CA LEU A 328 -9.77 17.34 29.18
C LEU A 328 -9.00 17.35 30.50
N ASN A 329 -8.20 18.38 30.76
CA ASN A 329 -7.34 18.43 31.94
C ASN A 329 -8.10 19.01 33.13
N ASN A 330 -9.04 18.21 33.65
CA ASN A 330 -9.85 18.62 34.78
C ASN A 330 -9.07 18.61 36.09
N LEU A 331 -7.97 17.87 36.15
CA LEU A 331 -6.84 18.14 37.04
C LEU A 331 -7.05 17.79 38.51
N LEU A 332 -8.27 17.49 38.94
CA LEU A 332 -8.49 16.91 40.25
C LEU A 332 -9.06 15.50 40.17
N VAL A 333 -9.99 15.27 39.25
CA VAL A 333 -10.41 13.92 38.92
C VAL A 333 -9.26 13.18 38.25
N VAL A 334 -8.40 13.89 37.53
CA VAL A 334 -7.19 13.28 36.98
C VAL A 334 -6.31 12.75 38.09
N LYS A 335 -6.09 13.57 39.13
CA LYS A 335 -5.23 13.16 40.23
C LYS A 335 -5.89 12.10 41.11
N LYS A 336 -7.21 12.15 41.29
CA LYS A 336 -7.89 11.07 41.99
C LYS A 336 -7.75 9.75 41.24
N LEU A 337 -7.91 9.78 39.91
CA LEU A 337 -7.81 8.56 39.12
C LEU A 337 -6.41 7.96 39.24
N ASN A 338 -5.38 8.80 39.17
CA ASN A 338 -4.01 8.35 39.30
C ASN A 338 -3.60 8.08 40.74
N ASP A 339 -4.42 8.51 41.71
CA ASP A 339 -4.14 8.21 43.11
C ASP A 339 -4.51 6.77 43.44
N CYS A 412 -15.30 11.25 39.77
CA CYS A 412 -15.87 9.92 39.83
C CYS A 412 -17.01 9.74 38.82
N SER A 413 -17.40 10.85 38.18
CA SER A 413 -18.53 10.87 37.26
C SER A 413 -18.17 10.19 35.94
N ALA A 414 -19.10 10.23 34.98
CA ALA A 414 -19.00 9.35 33.81
C ALA A 414 -17.99 9.79 32.75
N GLN A 415 -18.24 10.93 32.09
CA GLN A 415 -17.38 11.29 30.98
C GLN A 415 -16.11 12.00 31.42
N ASP A 416 -16.07 12.52 32.65
CA ASP A 416 -14.84 13.08 33.17
C ASP A 416 -13.76 12.01 33.24
N ILE A 417 -14.12 10.80 33.67
CA ILE A 417 -13.16 9.71 33.77
C ILE A 417 -12.68 9.27 32.38
N LEU A 418 -13.62 9.13 31.42
CA LEU A 418 -13.23 8.72 30.08
C LEU A 418 -12.31 9.76 29.43
N ALA A 419 -12.64 11.04 29.60
CA ALA A 419 -11.76 12.10 29.14
C ALA A 419 -10.41 12.03 29.83
N ALA A 420 -10.37 11.61 31.10
CA ALA A 420 -9.09 11.46 31.80
C ALA A 420 -8.25 10.35 31.18
N ALA A 421 -8.88 9.24 30.79
CA ALA A 421 -8.16 8.19 30.08
C ALA A 421 -7.58 8.72 28.78
N LYS A 422 -8.41 9.43 28.00
CA LYS A 422 -7.90 10.08 26.80
C LYS A 422 -6.74 11.01 27.13
N TYR A 423 -6.82 11.70 28.28
CA TYR A 423 -5.74 12.61 28.63
C TYR A 423 -4.44 11.87 28.88
N ASN A 424 -4.48 10.74 29.62
CA ASN A 424 -3.28 9.93 29.81
C ASN A 424 -2.68 9.51 28.48
N GLN A 425 -3.50 8.97 27.60
CA GLN A 425 -2.96 8.55 26.31
C GLN A 425 -2.28 9.69 25.60
N GLN A 426 -3.04 10.78 25.44
CA GLN A 426 -2.57 11.96 24.73
C GLN A 426 -1.25 12.54 25.29
N LEU A 427 -1.14 12.76 26.59
CA LEU A 427 0.08 13.23 27.21
C LEU A 427 1.25 12.27 27.02
N ASP A 428 1.02 10.95 27.18
CA ASP A 428 2.09 9.99 26.86
C ASP A 428 2.55 10.15 25.43
N ARG A 429 1.61 10.21 24.49
CA ARG A 429 1.94 10.32 23.08
C ARG A 429 2.70 11.62 22.79
N TYR A 430 2.21 12.72 23.36
CA TYR A 430 2.81 14.03 23.15
C TYR A 430 4.24 14.02 23.67
N LYS A 431 4.47 13.38 24.82
CA LYS A 431 5.82 13.29 25.35
C LYS A 431 6.73 12.49 24.42
N SER A 432 6.25 11.36 23.89
CA SER A 432 7.16 10.46 23.17
C SER A 432 7.51 10.94 21.77
N GLN A 433 6.66 11.79 21.16
CA GLN A 433 6.79 12.16 19.75
C GLN A 433 8.20 12.63 19.40
N LYS A 434 8.74 12.07 18.32
CA LYS A 434 10.00 12.51 17.75
C LYS A 434 9.74 13.29 16.47
N ALA A 435 10.54 14.33 16.24
CA ALA A 435 10.48 15.05 14.98
C ALA A 435 11.25 14.30 13.90
N ASN A 436 11.05 14.72 12.65
CA ASN A 436 11.61 13.99 11.52
C ASN A 436 12.93 14.62 11.10
N PRO A 437 14.05 13.92 11.22
CA PRO A 437 15.34 14.48 10.80
C PRO A 437 15.55 14.31 9.30
N SER A 438 16.37 15.20 8.76
CA SER A 438 16.72 15.16 7.34
C SER A 438 17.96 14.31 7.16
N VAL A 439 17.79 13.19 6.46
CA VAL A 439 18.87 12.27 6.16
C VAL A 439 18.96 12.12 4.65
N LEU A 440 20.19 12.04 4.14
CA LEU A 440 20.40 11.95 2.69
C LEU A 440 19.68 10.74 2.10
N GLY A 441 19.87 9.56 2.68
CA GLY A 441 19.19 8.38 2.21
C GLY A 441 20.07 7.50 1.34
N ASN A 442 19.45 6.45 0.79
CA ASN A 442 20.15 5.43 0.03
C ASN A 442 19.38 5.05 -1.23
N GLN A 443 18.81 6.04 -1.90
CA GLN A 443 18.14 5.80 -3.16
C GLN A 443 19.15 5.58 -4.28
N GLY A 444 18.72 4.84 -5.30
CA GLY A 444 19.53 4.63 -6.48
C GLY A 444 19.46 5.79 -7.45
N PHE A 445 20.24 5.69 -8.51
CA PHE A 445 20.28 6.70 -9.56
C PHE A 445 19.72 6.14 -10.86
N THR A 446 19.09 7.00 -11.65
CA THR A 446 18.38 6.59 -12.85
C THR A 446 19.14 7.02 -14.10
N TRP A 447 19.36 6.07 -15.00
CA TRP A 447 19.88 6.33 -16.34
C TRP A 447 18.73 6.40 -17.32
N THR A 448 18.71 7.45 -18.13
CA THR A 448 17.70 7.66 -19.15
C THR A 448 18.08 6.94 -20.44
N ASN A 449 17.10 6.31 -21.06
CA ASN A 449 17.31 5.55 -22.29
C ASN A 449 18.48 4.58 -22.12
N ALA A 450 18.30 3.65 -21.18
CA ALA A 450 19.34 2.73 -20.76
C ALA A 450 19.17 1.33 -21.35
N VAL A 451 17.93 0.83 -21.39
CA VAL A 451 17.68 -0.50 -21.92
C VAL A 451 17.74 -0.46 -23.45
N ILE A 452 18.52 -1.37 -24.04
CA ILE A 452 18.51 -1.51 -25.49
C ILE A 452 17.13 -1.96 -25.93
N LEU A 453 16.59 -1.27 -26.94
CA LEU A 453 15.21 -1.49 -27.34
C LEU A 453 15.00 -2.93 -27.81
N PRO A 454 13.83 -3.50 -27.58
CA PRO A 454 13.61 -4.91 -27.97
C PRO A 454 13.83 -5.20 -29.44
N GLU A 455 13.42 -4.30 -30.35
CA GLU A 455 13.71 -4.49 -31.76
C GLU A 455 15.13 -4.08 -32.14
N LYS A 456 15.85 -3.40 -31.25
CA LYS A 456 17.25 -3.08 -31.43
C LYS A 456 18.18 -4.09 -30.78
N ALA A 457 17.63 -5.14 -30.17
CA ALA A 457 18.41 -6.03 -29.31
C ALA A 457 19.41 -6.85 -30.13
N GLN A 458 20.47 -7.27 -29.45
CA GLN A 458 21.52 -8.10 -30.02
C GLN A 458 21.35 -9.49 -29.43
N ARG A 459 20.78 -10.40 -30.22
CA ARG A 459 20.33 -11.70 -29.72
C ARG A 459 21.22 -12.79 -30.32
N ASN A 460 22.03 -13.43 -29.46
CA ASN A 460 22.82 -14.58 -29.88
C ASN A 460 21.96 -15.85 -29.77
N ASP A 461 20.89 -15.85 -30.55
CA ASP A 461 19.91 -16.91 -30.49
C ASP A 461 20.49 -18.24 -31.00
N ARG A 462 19.98 -19.32 -30.45
CA ARG A 462 20.37 -20.68 -30.78
C ARG A 462 19.10 -21.46 -31.10
N PRO A 463 19.21 -22.57 -31.83
CA PRO A 463 17.99 -23.32 -32.18
C PRO A 463 17.34 -23.99 -30.99
N ASN A 464 18.03 -24.10 -29.86
CA ASN A 464 17.45 -24.77 -28.71
C ASN A 464 17.76 -24.00 -27.42
N SER A 465 18.14 -22.72 -27.52
CA SER A 465 18.34 -21.88 -26.34
C SER A 465 18.25 -20.42 -26.78
N LEU A 466 17.15 -19.76 -26.43
CA LEU A 466 17.00 -18.33 -26.73
C LEU A 466 17.94 -17.49 -25.87
N ASP A 467 18.32 -16.33 -26.40
CA ASP A 467 19.21 -15.42 -25.69
C ASP A 467 18.41 -14.68 -24.63
N LEU A 468 18.60 -15.06 -23.36
CA LEU A 468 17.87 -14.49 -22.24
C LEU A 468 18.58 -13.30 -21.59
N ARG A 469 19.38 -12.57 -22.36
CA ARG A 469 20.13 -11.43 -21.84
C ARG A 469 19.43 -10.14 -22.24
N ILE A 470 19.28 -9.23 -21.27
CA ILE A 470 18.81 -7.88 -21.54
C ILE A 470 19.98 -6.95 -21.28
N TRP A 471 20.29 -6.11 -22.27
CA TRP A 471 21.50 -5.29 -22.24
C TRP A 471 21.15 -3.84 -21.93
N LEU A 472 21.80 -3.30 -20.90
CA LEU A 472 21.82 -1.88 -20.64
C LEU A 472 22.97 -1.25 -21.40
N TYR A 473 22.86 0.05 -21.65
CA TYR A 473 23.91 0.79 -22.34
C TYR A 473 23.99 2.14 -21.62
N LEU A 474 24.91 2.20 -20.65
CA LEU A 474 24.98 3.27 -19.65
C LEU A 474 26.26 4.07 -19.81
N LYS A 475 26.18 5.37 -19.61
CA LYS A 475 27.39 6.19 -19.57
C LYS A 475 28.07 6.03 -18.21
N LEU A 476 29.37 5.76 -18.23
CA LEU A 476 30.18 5.64 -17.04
C LEU A 476 31.34 6.63 -17.11
N ARG A 477 31.79 7.07 -15.94
CA ARG A 477 32.85 8.06 -15.84
C ARG A 477 34.17 7.36 -15.56
N HIS A 478 35.13 7.51 -16.47
CA HIS A 478 36.44 6.91 -16.34
C HIS A 478 37.31 7.76 -15.41
N PRO A 479 38.38 7.19 -14.86
CA PRO A 479 39.21 7.96 -13.91
C PRO A 479 39.78 9.24 -14.49
N ASP A 480 39.96 9.34 -15.82
CA ASP A 480 40.39 10.59 -16.40
C ASP A 480 39.35 11.69 -16.25
N GLY A 481 38.08 11.33 -16.07
CA GLY A 481 36.99 12.27 -16.00
C GLY A 481 36.05 12.25 -17.18
N ARG A 482 36.42 11.57 -18.27
CA ARG A 482 35.61 11.54 -19.48
C ARG A 482 34.54 10.45 -19.37
N TRP A 483 33.36 10.76 -19.90
CA TRP A 483 32.24 9.83 -19.90
C TRP A 483 32.25 9.00 -21.18
N LYS A 484 31.91 7.73 -21.04
CA LYS A 484 31.84 6.81 -22.17
C LYS A 484 30.74 5.80 -21.90
N LYS A 485 30.00 5.44 -22.93
CA LYS A 485 28.91 4.49 -22.77
C LYS A 485 29.42 3.06 -22.90
N HIS A 486 28.77 2.15 -22.18
CA HIS A 486 29.16 0.74 -22.15
C HIS A 486 27.90 -0.13 -22.07
N HIS A 487 28.05 -1.39 -22.51
CA HIS A 487 26.97 -2.38 -22.41
C HIS A 487 27.17 -3.23 -21.17
N ILE A 488 26.10 -3.46 -20.43
CA ILE A 488 26.12 -4.33 -19.26
C ILE A 488 24.89 -5.23 -19.28
N PRO A 489 25.04 -6.55 -19.17
CA PRO A 489 23.87 -7.43 -19.28
C PRO A 489 23.26 -7.76 -17.93
N PHE A 490 22.00 -8.19 -17.98
CA PHE A 490 21.32 -8.72 -16.82
C PHE A 490 20.23 -9.68 -17.29
N TYR A 491 19.70 -10.45 -16.33
CA TYR A 491 18.72 -11.49 -16.62
C TYR A 491 17.44 -11.21 -15.85
N ASP A 492 16.31 -11.36 -16.54
CA ASP A 492 14.99 -11.27 -15.90
C ASP A 492 14.03 -12.07 -16.77
N THR A 493 13.67 -13.27 -16.32
CA THR A 493 12.77 -14.10 -17.11
C THR A 493 11.41 -13.45 -17.28
N ARG A 494 10.97 -12.71 -16.26
CA ARG A 494 9.68 -12.02 -16.34
C ARG A 494 9.71 -10.90 -17.37
N PHE A 495 10.76 -10.07 -17.33
CA PHE A 495 10.90 -9.01 -18.32
C PHE A 495 11.08 -9.58 -19.73
N PHE A 496 11.67 -10.77 -19.83
CA PHE A 496 11.79 -11.41 -21.14
C PHE A 496 10.44 -11.92 -21.62
N GLN A 497 9.65 -12.51 -20.74
CA GLN A 497 8.36 -13.06 -21.16
C GLN A 497 7.36 -11.96 -21.49
N GLU A 498 7.24 -10.95 -20.64
CA GLU A 498 6.17 -9.98 -20.80
C GLU A 498 6.44 -8.97 -21.91
N ILE A 499 7.69 -8.52 -22.05
CA ILE A 499 8.01 -7.40 -22.94
C ILE A 499 9.12 -7.75 -23.92
N TYR A 500 10.26 -8.24 -23.43
CA TYR A 500 11.50 -8.02 -24.16
C TYR A 500 11.74 -9.06 -25.25
N ALA A 501 11.12 -10.24 -25.16
CA ALA A 501 11.29 -11.25 -26.20
C ALA A 501 10.66 -10.79 -27.51
N ALA A 502 11.22 -11.27 -28.62
CA ALA A 502 10.75 -10.90 -29.95
C ALA A 502 9.47 -11.66 -30.26
N GLY A 503 8.34 -10.95 -30.25
CA GLY A 503 7.09 -11.56 -30.64
C GLY A 503 6.88 -11.56 -32.14
N ASN A 504 6.10 -12.57 -32.64
CA ASN A 504 5.90 -12.73 -34.08
C ASN A 504 4.48 -13.13 -34.46
N SER A 505 3.52 -13.02 -33.53
CA SER A 505 2.17 -13.43 -33.86
C SER A 505 1.62 -12.53 -34.97
N PRO A 506 1.05 -13.10 -36.04
CA PRO A 506 0.56 -12.26 -37.14
C PRO A 506 -0.51 -11.28 -36.72
N VAL A 507 -1.34 -11.62 -35.74
CA VAL A 507 -2.49 -10.81 -35.36
C VAL A 507 -2.42 -10.37 -33.89
N ASP A 508 -2.13 -11.31 -32.99
CA ASP A 508 -2.29 -11.06 -31.57
C ASP A 508 -1.43 -9.91 -31.10
N THR A 509 -1.98 -9.07 -30.23
CA THR A 509 -1.28 -7.93 -29.68
C THR A 509 -1.85 -7.63 -28.30
N CYS A 510 -0.95 -7.49 -27.32
CA CYS A 510 -1.37 -7.19 -25.95
C CYS A 510 -0.27 -6.40 -25.26
N GLN A 511 -0.67 -5.69 -24.20
CA GLN A 511 0.25 -4.81 -23.49
C GLN A 511 1.36 -5.60 -22.81
N PHE A 512 0.99 -6.60 -22.02
CA PHE A 512 1.93 -7.43 -21.28
C PHE A 512 1.55 -8.89 -21.48
N ARG A 513 2.56 -9.73 -21.70
CA ARG A 513 2.32 -11.15 -21.98
C ARG A 513 2.26 -11.92 -20.66
N THR A 514 1.07 -11.89 -20.05
CA THR A 514 0.82 -12.51 -18.76
C THR A 514 -0.67 -12.75 -18.63
N PRO A 515 -1.08 -13.81 -17.91
CA PRO A 515 -2.50 -14.20 -17.92
C PRO A 515 -3.48 -13.09 -17.56
N ARG A 516 -3.15 -12.23 -16.60
CA ARG A 516 -4.08 -11.18 -16.20
C ARG A 516 -4.33 -10.17 -17.32
N PHE A 517 -3.48 -10.14 -18.34
CA PHE A 517 -3.66 -9.28 -19.49
C PHE A 517 -4.10 -10.05 -20.73
N GLY A 518 -4.47 -11.33 -20.58
CA GLY A 518 -5.15 -12.08 -21.61
C GLY A 518 -4.35 -13.14 -22.31
N TYR A 519 -3.03 -13.20 -22.11
CA TYR A 519 -2.19 -14.15 -22.84
C TYR A 519 -1.72 -15.27 -21.92
N HIS A 520 -1.90 -16.51 -22.37
CA HIS A 520 -1.40 -17.69 -21.67
C HIS A 520 -0.34 -18.36 -22.54
N LEU A 521 0.80 -18.69 -21.95
CA LEU A 521 1.84 -19.40 -22.67
C LEU A 521 1.39 -20.82 -22.99
N PRO A 522 1.82 -21.38 -24.11
CA PRO A 522 1.51 -22.79 -24.41
C PRO A 522 2.17 -23.72 -23.41
N LYS A 523 1.48 -24.82 -23.11
CA LYS A 523 2.02 -25.77 -22.15
C LYS A 523 3.08 -26.66 -22.83
N LEU A 524 3.91 -27.26 -21.99
CA LEU A 524 5.06 -28.02 -22.48
C LEU A 524 4.65 -29.45 -22.82
N THR A 525 5.45 -30.07 -23.69
CA THR A 525 5.23 -31.40 -24.21
C THR A 525 6.43 -32.30 -23.92
N ASP A 526 6.27 -33.59 -24.22
CA ASP A 526 7.36 -34.56 -24.14
C ASP A 526 8.36 -34.41 -25.28
N GLN A 527 8.14 -33.42 -26.13
CA GLN A 527 9.03 -33.08 -27.23
C GLN A 527 10.04 -32.02 -26.83
N THR A 528 9.92 -31.47 -25.62
CA THR A 528 10.77 -30.40 -25.12
C THR A 528 11.68 -30.96 -24.03
N ALA A 529 12.97 -31.02 -24.30
CA ALA A 529 13.95 -31.56 -23.37
C ALA A 529 14.66 -30.41 -22.65
N ILE A 530 14.39 -30.27 -21.37
CA ILE A 530 15.03 -29.25 -20.55
C ILE A 530 16.15 -29.95 -19.79
N ARG A 531 17.39 -29.71 -20.18
CA ARG A 531 18.56 -30.37 -19.59
C ARG A 531 19.50 -29.29 -19.08
N VAL A 532 19.26 -28.82 -17.85
CA VAL A 532 20.04 -27.76 -17.24
C VAL A 532 20.36 -28.14 -15.80
N ASN A 533 21.07 -27.24 -15.13
CA ASN A 533 21.29 -27.36 -13.69
C ASN A 533 19.96 -27.40 -12.96
N LYS A 534 19.97 -27.90 -11.73
CA LYS A 534 18.70 -28.00 -11.01
C LYS A 534 18.18 -26.63 -10.61
N LYS A 535 19.07 -25.73 -10.22
CA LYS A 535 18.63 -24.41 -9.78
C LYS A 535 18.29 -23.48 -10.94
N HIS A 536 18.06 -24.03 -12.14
CA HIS A 536 17.69 -23.23 -13.28
C HIS A 536 16.40 -23.70 -13.94
N VAL A 537 15.86 -24.85 -13.54
CA VAL A 537 14.76 -25.48 -14.27
C VAL A 537 13.56 -24.55 -14.37
N LYS A 538 13.16 -23.95 -13.24
CA LYS A 538 12.01 -23.06 -13.25
C LYS A 538 12.22 -21.92 -14.23
N ALA A 539 13.44 -21.37 -14.29
CA ALA A 539 13.74 -20.39 -15.32
C ALA A 539 13.68 -21.02 -16.69
N ALA A 540 14.38 -22.15 -16.87
CA ALA A 540 14.48 -22.77 -18.19
C ALA A 540 13.11 -23.11 -18.75
N LYS A 541 12.23 -23.65 -17.90
CA LYS A 541 10.88 -23.98 -18.35
C LYS A 541 10.25 -22.79 -19.04
N THR A 542 10.29 -21.61 -18.40
CA THR A 542 9.66 -20.45 -19.01
C THR A 542 10.26 -20.16 -20.38
N GLU A 543 11.59 -20.18 -20.47
CA GLU A 543 12.25 -19.96 -21.74
C GLU A 543 11.72 -20.96 -22.77
N ALA A 544 11.69 -22.24 -22.39
CA ALA A 544 11.15 -23.25 -23.29
C ALA A 544 9.77 -22.85 -23.78
N ARG A 545 8.89 -22.50 -22.84
CA ARG A 545 7.53 -22.12 -23.22
C ARG A 545 7.57 -20.97 -24.22
N ILE A 546 8.34 -19.92 -23.91
CA ILE A 546 8.42 -18.77 -24.81
C ILE A 546 8.88 -19.22 -26.18
N ARG A 547 9.94 -20.05 -26.20
CA ARG A 547 10.47 -20.52 -27.47
C ARG A 547 9.43 -21.30 -28.24
N LEU A 548 8.66 -22.13 -27.53
CA LEU A 548 7.58 -22.87 -28.20
C LEU A 548 6.58 -21.89 -28.79
N ALA A 549 6.25 -20.83 -28.04
CA ALA A 549 5.33 -19.81 -28.55
C ALA A 549 5.84 -19.18 -29.83
N ILE A 550 7.17 -19.14 -30.01
CA ILE A 550 7.73 -18.63 -31.26
C ILE A 550 7.69 -19.71 -32.33
N GLN A 551 7.97 -20.96 -31.96
CA GLN A 551 7.98 -22.04 -32.95
C GLN A 551 6.61 -22.21 -33.59
N GLN A 552 5.55 -22.13 -32.80
CA GLN A 552 4.19 -22.15 -33.30
C GLN A 552 3.77 -20.81 -33.90
N GLY A 553 4.54 -19.75 -33.67
CA GLY A 553 4.21 -18.44 -34.21
C GLY A 553 3.06 -17.74 -33.52
N THR A 554 2.87 -17.98 -32.21
CA THR A 554 1.73 -17.43 -31.48
C THR A 554 2.14 -16.47 -30.37
N LEU A 555 3.39 -16.03 -30.33
CA LEU A 555 3.82 -15.07 -29.31
C LEU A 555 3.43 -13.66 -29.72
N PRO A 556 2.54 -12.99 -28.99
CA PRO A 556 2.10 -11.65 -29.42
C PRO A 556 3.21 -10.63 -29.34
N VAL A 557 3.10 -9.60 -30.17
CA VAL A 557 4.04 -8.49 -30.13
C VAL A 557 3.50 -7.43 -29.18
N SER A 558 4.42 -6.75 -28.49
CA SER A 558 4.04 -5.78 -27.46
C SER A 558 3.56 -4.50 -28.12
N ASN A 559 2.33 -4.08 -27.79
CA ASN A 559 1.71 -2.90 -28.37
C ASN A 559 1.93 -1.63 -27.57
N LEU A 560 3.03 -1.56 -26.80
CA LEU A 560 3.22 -0.43 -25.90
C LEU A 560 3.86 0.78 -26.57
N LYS A 561 4.30 0.66 -27.82
CA LYS A 561 4.95 1.77 -28.54
C LYS A 561 6.09 2.35 -27.71
N ILE A 562 6.93 1.45 -27.18
CA ILE A 562 8.01 1.87 -26.29
C ILE A 562 9.10 2.52 -27.12
N THR A 563 9.47 3.75 -26.76
CA THR A 563 10.55 4.46 -27.44
C THR A 563 11.83 4.47 -26.64
N GLU A 564 11.75 4.34 -25.32
CA GLU A 564 12.92 4.38 -24.44
C GLU A 564 12.53 3.85 -23.07
N ILE A 565 13.50 3.28 -22.38
CA ILE A 565 13.29 2.72 -21.05
C ILE A 565 14.44 3.16 -20.17
N SER A 566 14.12 3.62 -18.96
CA SER A 566 15.14 4.00 -18.00
C SER A 566 15.52 2.83 -17.11
N ALA A 567 16.57 3.02 -16.32
CA ALA A 567 17.00 1.99 -15.38
C ALA A 567 17.54 2.66 -14.13
N THR A 568 17.07 2.21 -12.96
CA THR A 568 17.57 2.74 -11.70
C THR A 568 18.48 1.70 -11.04
N ILE A 569 19.67 2.14 -10.63
CA ILE A 569 20.73 1.26 -10.16
C ILE A 569 21.29 1.81 -8.86
N ASN A 570 21.65 0.91 -7.95
CA ASN A 570 22.24 1.29 -6.66
C ASN A 570 23.65 0.72 -6.56
N SER A 571 24.32 0.99 -5.43
CA SER A 571 25.70 0.58 -5.25
C SER A 571 25.87 -0.93 -5.16
N LYS A 572 24.79 -1.68 -4.97
CA LYS A 572 24.85 -3.13 -4.97
C LYS A 572 24.58 -3.73 -6.34
N GLY A 573 24.44 -2.90 -7.36
CA GLY A 573 24.24 -3.39 -8.71
C GLY A 573 22.84 -3.88 -9.02
N GLN A 574 21.87 -3.63 -8.15
CA GLN A 574 20.49 -3.97 -8.43
C GLN A 574 19.89 -2.99 -9.43
N VAL A 575 19.09 -3.50 -10.36
CA VAL A 575 18.51 -2.68 -11.41
C VAL A 575 17.00 -2.77 -11.31
N ARG A 576 16.34 -1.62 -11.48
CA ARG A 576 14.88 -1.54 -11.49
C ARG A 576 14.45 -0.91 -12.80
N ILE A 577 13.53 -1.58 -13.50
CA ILE A 577 13.09 -1.17 -14.83
C ILE A 577 11.63 -0.78 -14.77
N PRO A 578 11.30 0.52 -14.83
CA PRO A 578 9.90 0.93 -14.88
C PRO A 578 9.35 0.98 -16.30
N VAL A 579 8.11 0.56 -16.44
CA VAL A 579 7.40 0.60 -17.72
C VAL A 579 6.06 1.26 -17.51
N LYS A 580 5.84 2.41 -18.15
CA LYS A 580 4.59 3.14 -18.06
C LYS A 580 3.70 2.80 -19.24
N PHE A 581 2.40 2.69 -19.00
CA PHE A 581 1.47 2.32 -20.05
C PHE A 581 0.13 3.00 -19.80
N ASP A 582 -0.54 3.36 -20.89
CA ASP A 582 -1.89 3.90 -20.81
C ASP A 582 -2.88 2.77 -20.62
N VAL A 583 -3.80 2.92 -19.67
CA VAL A 583 -4.71 1.85 -19.30
C VAL A 583 -6.08 2.00 -19.95
N GLY A 584 -6.31 3.08 -20.68
CA GLY A 584 -7.61 3.45 -21.16
C GLY A 584 -7.95 4.87 -20.78
N ARG A 585 -9.19 5.24 -21.08
CA ARG A 585 -9.69 6.59 -20.86
C ARG A 585 -10.47 6.62 -19.55
N GLN A 586 -10.47 7.76 -18.87
CA GLN A 586 -11.16 7.81 -17.58
C GLN A 586 -12.66 7.59 -17.69
N LYS A 587 -13.21 7.05 -16.61
CA LYS A 587 -14.61 6.72 -16.39
C LYS A 587 -15.46 7.96 -16.16
N GLY A 588 -16.80 7.79 -16.25
CA GLY A 588 -17.74 8.88 -15.94
C GLY A 588 -18.93 8.35 -15.11
N THR A 589 -18.76 8.38 -13.79
CA THR A 589 -19.83 8.39 -12.77
C THR A 589 -21.02 7.47 -13.10
N LEU A 590 -20.72 6.18 -13.25
CA LEU A 590 -21.69 5.08 -13.07
C LEU A 590 -22.97 5.30 -13.88
N GLN A 591 -22.87 5.19 -15.21
CA GLN A 591 -24.09 5.25 -16.01
C GLN A 591 -24.72 3.86 -16.09
N ILE A 592 -25.70 3.74 -16.98
CA ILE A 592 -26.44 2.51 -17.17
C ILE A 592 -25.61 1.56 -18.02
N GLY A 593 -25.57 0.30 -17.61
CA GLY A 593 -24.75 -0.71 -18.22
C GLY A 593 -23.45 -0.97 -17.49
N ASP A 594 -23.03 -0.06 -16.62
CA ASP A 594 -21.78 -0.18 -15.89
C ASP A 594 -21.95 -1.14 -14.72
N ARG A 595 -21.14 -2.20 -14.69
CA ARG A 595 -21.19 -3.19 -13.63
C ARG A 595 -20.17 -2.86 -12.55
N PHE A 596 -20.57 -3.01 -11.30
CA PHE A 596 -19.68 -2.79 -10.17
C PHE A 596 -19.73 -4.02 -9.26
N CYS A 597 -18.91 -4.02 -8.21
CA CYS A 597 -18.93 -5.14 -7.29
C CYS A 597 -18.36 -4.68 -5.95
N GLY A 598 -18.37 -5.61 -5.00
CA GLY A 598 -17.79 -5.38 -3.70
C GLY A 598 -17.20 -6.66 -3.17
N TYR A 599 -16.27 -6.51 -2.23
CA TYR A 599 -15.66 -7.65 -1.57
C TYR A 599 -15.55 -7.36 -0.08
N ASP A 600 -15.54 -8.43 0.72
CA ASP A 600 -15.43 -8.30 2.15
C ASP A 600 -14.71 -9.51 2.72
N GLN A 601 -13.90 -9.27 3.74
CA GLN A 601 -13.23 -10.33 4.48
C GLN A 601 -14.02 -10.62 5.75
N ASN A 602 -14.30 -11.89 5.99
CA ASN A 602 -15.07 -12.31 7.15
C ASN A 602 -14.14 -12.43 8.37
N GLN A 603 -14.65 -13.05 9.44
CA GLN A 603 -13.86 -13.16 10.66
C GLN A 603 -12.73 -14.17 10.50
N THR A 604 -12.90 -15.18 9.64
CA THR A 604 -11.90 -16.23 9.46
C THR A 604 -10.88 -15.89 8.37
N ALA A 605 -10.70 -14.61 8.05
CA ALA A 605 -9.73 -14.16 7.06
C ALA A 605 -9.97 -14.82 5.70
N SER A 606 -11.23 -14.78 5.25
CA SER A 606 -11.61 -15.25 3.93
C SER A 606 -12.45 -14.17 3.25
N HIS A 607 -12.23 -13.98 1.96
CA HIS A 607 -12.87 -12.92 1.21
C HIS A 607 -13.99 -13.45 0.33
N ALA A 608 -15.02 -12.62 0.15
CA ALA A 608 -16.15 -12.93 -0.71
C ALA A 608 -16.50 -11.71 -1.54
N TYR A 609 -17.02 -11.96 -2.75
CA TYR A 609 -17.35 -10.91 -3.71
C TYR A 609 -18.81 -11.02 -4.15
N SER A 610 -19.38 -9.86 -4.47
CA SER A 610 -20.76 -9.74 -4.94
C SER A 610 -20.81 -8.74 -6.07
N LEU A 611 -21.38 -9.15 -7.20
CA LEU A 611 -21.44 -8.35 -8.43
C LEU A 611 -22.83 -7.74 -8.61
N TRP A 612 -22.86 -6.54 -9.18
CA TRP A 612 -24.10 -5.81 -9.42
C TRP A 612 -24.00 -5.04 -10.71
N GLU A 613 -25.15 -4.69 -11.28
CA GLU A 613 -25.22 -3.96 -12.54
C GLU A 613 -26.24 -2.82 -12.41
N VAL A 614 -25.95 -1.70 -13.05
CA VAL A 614 -26.91 -0.61 -13.18
C VAL A 614 -27.76 -0.86 -14.41
N VAL A 615 -29.09 -0.84 -14.23
CA VAL A 615 -30.05 -1.24 -15.24
C VAL A 615 -31.09 -0.15 -15.45
N LYS A 616 -31.93 -0.37 -16.46
CA LYS A 616 -32.91 0.61 -16.94
C LYS A 616 -34.27 0.44 -16.27
N GLU A 617 -34.88 -0.73 -16.45
CA GLU A 617 -36.04 -1.14 -15.67
C GLU A 617 -35.52 -2.05 -14.56
N GLY A 618 -35.72 -1.65 -13.32
CA GLY A 618 -35.21 -2.43 -12.21
C GLY A 618 -35.66 -1.92 -10.86
N GLN A 619 -34.82 -2.12 -9.84
CA GLN A 619 -35.16 -1.77 -8.47
C GLN A 619 -34.29 -0.59 -8.01
N TYR A 620 -34.94 0.42 -7.46
CA TYR A 620 -34.30 1.70 -7.17
C TYR A 620 -33.54 1.66 -5.85
N HIS A 621 -32.36 2.26 -5.84
CA HIS A 621 -31.57 2.44 -4.62
C HIS A 621 -31.43 3.92 -4.33
N LYS A 622 -31.84 4.33 -3.13
CA LYS A 622 -31.79 5.75 -2.78
C LYS A 622 -30.36 6.25 -2.69
N GLU A 623 -29.46 5.44 -2.10
CA GLU A 623 -28.06 5.84 -1.97
C GLU A 623 -27.44 6.11 -3.33
N LEU A 624 -27.56 5.15 -4.25
CA LEU A 624 -26.93 5.30 -5.57
C LEU A 624 -27.70 6.29 -6.44
N GLY A 625 -29.02 6.32 -6.32
CA GLY A 625 -29.82 7.15 -7.20
C GLY A 625 -30.08 6.54 -8.56
N CYS A 626 -30.18 5.22 -8.65
CA CYS A 626 -30.42 4.54 -9.92
C CYS A 626 -31.01 3.16 -9.64
N PHE A 627 -31.26 2.43 -10.73
CA PHE A 627 -31.84 1.10 -10.67
C PHE A 627 -30.71 0.07 -10.74
N VAL A 628 -30.71 -0.88 -9.82
CA VAL A 628 -29.63 -1.84 -9.70
C VAL A 628 -30.17 -3.25 -9.82
N ARG A 629 -29.26 -4.20 -10.05
CA ARG A 629 -29.59 -5.58 -10.34
C ARG A 629 -28.46 -6.48 -9.88
N PHE A 630 -28.77 -7.43 -9.00
CA PHE A 630 -27.76 -8.39 -8.55
C PHE A 630 -27.43 -9.39 -9.64
N ILE A 631 -26.14 -9.70 -9.79
CA ILE A 631 -25.69 -10.57 -10.86
C ILE A 631 -25.31 -11.94 -10.32
N SER A 632 -24.29 -11.99 -9.46
CA SER A 632 -23.85 -13.24 -8.86
C SER A 632 -22.96 -12.91 -7.66
N SER A 633 -22.69 -13.96 -6.88
CA SER A 633 -21.79 -13.86 -5.74
C SER A 633 -20.83 -15.03 -5.77
N GLY A 634 -19.81 -14.96 -4.92
CA GLY A 634 -18.87 -16.06 -4.83
C GLY A 634 -17.80 -15.78 -3.80
N ASP A 635 -16.94 -16.77 -3.61
CA ASP A 635 -15.81 -16.65 -2.71
C ASP A 635 -14.52 -16.46 -3.51
N ILE A 636 -13.63 -15.61 -3.00
CA ILE A 636 -12.36 -15.38 -3.65
C ILE A 636 -11.46 -16.58 -3.43
N VAL A 637 -10.97 -17.17 -4.52
CA VAL A 637 -10.32 -18.48 -4.48
C VAL A 637 -9.18 -18.51 -5.49
N SER A 638 -8.04 -19.07 -5.07
CA SER A 638 -6.85 -19.26 -5.91
C SER A 638 -6.52 -20.75 -5.90
N ILE A 639 -6.77 -21.42 -7.03
CA ILE A 639 -6.63 -22.89 -7.14
C ILE A 639 -5.37 -23.25 -7.87
N THR A 640 -4.63 -24.18 -7.28
CA THR A 640 -3.50 -24.85 -7.89
C THR A 640 -3.85 -26.32 -8.09
N GLU A 641 -3.49 -26.87 -9.25
CA GLU A 641 -3.73 -28.29 -9.49
C GLU A 641 -2.48 -29.11 -9.23
N ASN A 642 -2.69 -30.38 -8.86
CA ASN A 642 -1.59 -31.27 -8.49
C ASN A 642 -2.00 -32.67 -8.96
N ARG A 643 -1.43 -33.10 -10.08
CA ARG A 643 -1.83 -34.32 -10.78
C ARG A 643 -3.36 -34.46 -10.82
N GLY A 644 -4.01 -33.37 -11.18
CA GLY A 644 -5.45 -33.34 -11.37
C GLY A 644 -6.27 -32.95 -10.16
N ASN A 645 -5.71 -33.03 -8.95
CA ASN A 645 -6.44 -32.66 -7.76
C ASN A 645 -6.30 -31.16 -7.52
N GLN A 646 -7.42 -30.48 -7.32
CA GLN A 646 -7.41 -29.05 -7.08
C GLN A 646 -7.20 -28.74 -5.60
N PHE A 647 -6.55 -27.61 -5.34
CA PHE A 647 -6.36 -27.11 -3.99
C PHE A 647 -6.55 -25.60 -3.99
N ASP A 648 -7.34 -25.09 -3.05
CA ASP A 648 -7.49 -23.66 -2.84
C ASP A 648 -6.44 -23.23 -1.83
N GLN A 649 -5.38 -22.57 -2.32
CA GLN A 649 -4.26 -22.21 -1.45
C GLN A 649 -4.69 -21.28 -0.33
N LEU A 650 -5.73 -20.48 -0.57
CA LEU A 650 -6.17 -19.52 0.44
C LEU A 650 -6.96 -20.15 1.57
N SER A 651 -7.49 -21.35 1.37
CA SER A 651 -8.39 -21.94 2.38
C SER A 651 -8.12 -23.41 2.70
N TYR A 652 -7.26 -24.10 1.96
CA TYR A 652 -7.04 -25.53 2.19
C TYR A 652 -6.61 -25.79 3.63
N GLU A 653 -7.39 -26.59 4.35
CA GLU A 653 -7.17 -26.83 5.76
C GLU A 653 -6.41 -28.13 6.03
N GLY A 654 -5.90 -28.78 4.99
CA GLY A 654 -5.10 -29.98 5.16
C GLY A 654 -5.89 -31.25 5.00
N LEU A 655 -5.28 -32.34 5.45
CA LEU A 655 -5.87 -33.66 5.34
C LEU A 655 -6.94 -33.87 6.40
N ALA A 656 -7.85 -34.79 6.13
CA ALA A 656 -8.85 -35.18 7.10
C ALA A 656 -8.24 -36.06 8.19
N TYR A 657 -8.92 -36.12 9.33
CA TYR A 657 -8.41 -36.90 10.46
C TYR A 657 -8.08 -38.36 10.11
N PRO A 658 -8.89 -39.10 9.35
CA PRO A 658 -8.50 -40.47 8.99
C PRO A 658 -7.43 -40.57 7.91
N GLN A 659 -6.74 -39.49 7.57
CA GLN A 659 -5.74 -39.51 6.52
C GLN A 659 -4.32 -39.30 6.99
N TYR A 660 -4.11 -38.68 8.16
CA TYR A 660 -2.76 -38.48 8.68
C TYR A 660 -2.56 -39.29 9.96
N ALA A 661 -2.99 -40.55 9.93
CA ALA A 661 -2.89 -41.40 11.12
C ALA A 661 -1.45 -41.59 11.57
N ASP A 662 -0.53 -41.79 10.62
CA ASP A 662 0.86 -42.05 10.98
C ASP A 662 1.50 -40.84 11.68
N TRP A 663 1.24 -39.65 11.16
CA TRP A 663 1.76 -38.42 11.76
C TRP A 663 1.29 -38.27 13.19
N ARG A 664 -0.03 -38.39 13.40
CA ARG A 664 -0.60 -38.29 14.73
C ARG A 664 -0.11 -39.41 15.64
N LYS A 665 0.17 -40.58 15.07
CA LYS A 665 0.58 -41.72 15.87
C LYS A 665 2.01 -41.56 16.38
N LYS A 666 2.90 -41.07 15.53
CA LYS A 666 4.26 -40.73 15.97
C LYS A 666 4.21 -39.62 17.02
N ALA A 667 3.35 -38.63 16.81
CA ALA A 667 3.20 -37.57 17.80
C ALA A 667 2.72 -38.13 19.14
N SER A 668 1.78 -39.08 19.10
CA SER A 668 1.30 -39.72 20.32
C SER A 668 2.42 -40.49 21.01
N LYS A 669 3.23 -41.21 20.23
CA LYS A 669 4.39 -41.91 20.76
C LYS A 669 5.29 -40.96 21.54
N PHE A 670 5.61 -39.80 20.97
CA PHE A 670 6.43 -38.85 21.70
C PHE A 670 5.71 -38.34 22.95
N VAL A 671 4.45 -37.93 22.81
CA VAL A 671 3.82 -37.15 23.86
C VAL A 671 3.46 -38.03 25.05
N SER A 672 3.36 -39.35 24.86
CA SER A 672 3.06 -40.24 25.96
C SER A 672 4.16 -40.23 27.02
N LEU A 673 5.42 -40.13 26.59
CA LEU A 673 6.56 -40.27 27.48
C LEU A 673 6.88 -39.00 28.27
N TRP A 674 5.99 -38.01 28.34
CA TRP A 674 6.36 -36.73 28.90
C TRP A 674 5.26 -36.19 29.80
N GLN A 675 5.57 -35.09 30.48
CA GLN A 675 4.65 -34.40 31.38
C GLN A 675 4.79 -32.90 31.19
N ILE A 676 3.82 -32.17 31.73
CA ILE A 676 3.77 -30.72 31.66
C ILE A 676 3.74 -30.16 33.07
N THR A 677 4.62 -29.20 33.36
CA THR A 677 4.71 -28.63 34.70
C THR A 677 4.03 -27.26 34.76
N VAL A 686 -1.03 -29.70 38.68
CA VAL A 686 -0.24 -28.99 37.70
C VAL A 686 0.47 -29.94 36.74
N THR A 687 0.90 -31.08 37.26
CA THR A 687 1.64 -32.10 36.51
C THR A 687 0.94 -32.78 35.33
N VAL A 688 -0.37 -32.96 35.39
CA VAL A 688 -1.16 -33.57 34.28
C VAL A 688 -0.58 -34.92 33.80
N GLU A 689 -0.44 -35.10 32.48
CA GLU A 689 0.12 -36.32 31.91
C GLU A 689 0.56 -36.07 30.49
N ALA A 690 0.30 -34.86 30.02
CA ALA A 690 0.68 -34.37 28.70
C ALA A 690 0.21 -35.21 27.51
N LYS A 691 -0.31 -36.40 27.79
CA LYS A 691 -0.95 -37.17 26.72
C LYS A 691 -2.44 -36.91 26.90
N GLU A 692 -2.80 -36.39 28.08
CA GLU A 692 -4.17 -36.03 28.41
C GLU A 692 -4.68 -34.94 27.47
N LYS A 693 -3.93 -33.85 27.33
CA LYS A 693 -4.36 -32.80 26.41
C LYS A 693 -4.20 -33.22 24.96
N PHE A 694 -3.28 -34.14 24.65
CA PHE A 694 -3.16 -34.61 23.27
C PHE A 694 -4.43 -35.36 22.84
N ASP A 695 -4.93 -36.24 23.71
CA ASP A 695 -6.19 -36.91 23.42
C ASP A 695 -7.35 -35.92 23.39
N ALA A 696 -7.30 -34.90 24.25
CA ALA A 696 -8.27 -33.82 24.16
C ALA A 696 -8.25 -33.16 22.78
N ILE A 697 -7.05 -32.95 22.24
CA ILE A 697 -6.90 -32.37 20.91
C ILE A 697 -7.52 -33.28 19.86
N CYS A 698 -7.25 -34.58 19.97
CA CYS A 698 -7.73 -35.53 18.96
C CYS A 698 -9.22 -35.80 19.07
N LYS A 699 -9.84 -35.48 20.20
CA LYS A 699 -11.27 -35.70 20.40
C LYS A 699 -12.09 -35.24 19.20
N TYR A 700 -11.90 -33.97 18.79
CA TYR A 700 -12.73 -33.32 17.80
C TYR A 700 -12.44 -33.77 16.37
N GLN A 701 -11.50 -34.71 16.18
CA GLN A 701 -11.01 -35.15 14.88
C GLN A 701 -10.77 -33.97 13.94
N PRO A 702 -9.79 -33.11 14.25
CA PRO A 702 -9.55 -31.95 13.40
C PRO A 702 -8.70 -32.30 12.19
N ARG A 703 -8.64 -31.36 11.25
CA ARG A 703 -7.83 -31.57 10.07
C ARG A 703 -6.35 -31.28 10.37
N LEU A 704 -5.52 -31.55 9.36
CA LEU A 704 -4.08 -31.66 9.58
C LEU A 704 -3.47 -30.36 10.09
N TYR A 705 -3.86 -29.22 9.52
CA TYR A 705 -3.19 -27.98 9.91
C TYR A 705 -3.72 -27.46 11.24
N LYS A 706 -5.02 -27.64 11.52
CA LYS A 706 -5.53 -27.34 12.86
C LYS A 706 -4.86 -28.22 13.90
N PHE A 707 -4.72 -29.51 13.58
CA PHE A 707 -4.01 -30.44 14.45
C PHE A 707 -2.58 -29.96 14.71
N ASN A 708 -1.89 -29.55 13.65
CA ASN A 708 -0.50 -29.15 13.77
C ASN A 708 -0.36 -27.89 14.61
N LYS A 709 -1.29 -26.94 14.46
CA LYS A 709 -1.29 -25.75 15.30
C LYS A 709 -1.44 -26.13 16.77
N GLU A 710 -2.44 -26.96 17.08
CA GLU A 710 -2.66 -27.31 18.47
C GLU A 710 -1.50 -28.13 19.04
N TYR A 711 -0.88 -28.98 18.22
CA TYR A 711 0.23 -29.79 18.71
C TYR A 711 1.50 -28.95 18.87
N ALA A 712 1.66 -27.91 18.06
CA ALA A 712 2.74 -26.96 18.32
C ALA A 712 2.52 -26.28 19.66
N TYR A 713 1.29 -25.92 19.98
CA TYR A 713 1.01 -25.39 21.31
C TYR A 713 1.33 -26.40 22.40
N LEU A 714 1.03 -27.67 22.14
CA LEU A 714 1.35 -28.74 23.11
C LEU A 714 2.86 -28.83 23.35
N LEU A 715 3.65 -28.86 22.28
CA LEU A 715 5.10 -28.93 22.45
C LEU A 715 5.62 -27.70 23.19
N ARG A 716 5.08 -26.51 22.89
CA ARG A 716 5.45 -25.33 23.64
C ARG A 716 5.18 -25.51 25.13
N ASP A 717 4.03 -26.12 25.46
CA ASP A 717 3.73 -26.40 26.87
C ASP A 717 4.74 -27.38 27.47
N ILE A 718 5.11 -28.41 26.73
CA ILE A 718 6.03 -29.43 27.24
C ILE A 718 7.45 -28.88 27.43
N VAL A 719 7.78 -27.76 26.79
CA VAL A 719 9.12 -27.19 26.92
C VAL A 719 9.28 -26.33 28.18
N ARG A 720 8.17 -25.88 28.77
CA ARG A 720 8.19 -24.76 29.71
C ARG A 720 9.08 -25.04 30.93
N GLY A 721 9.15 -26.27 31.41
CA GLY A 721 9.83 -26.51 32.67
C GLY A 721 10.85 -27.64 32.70
N LYS A 722 11.67 -27.79 31.66
CA LYS A 722 12.51 -28.96 31.54
C LYS A 722 14.00 -28.63 31.71
N SER A 723 14.78 -29.70 31.80
CA SER A 723 16.22 -29.65 32.05
C SER A 723 17.00 -29.63 30.73
N LEU A 724 18.29 -29.40 30.84
CA LEU A 724 19.14 -29.38 29.65
C LEU A 724 19.07 -30.70 28.90
N VAL A 725 19.23 -31.81 29.60
CA VAL A 725 19.17 -33.14 28.97
C VAL A 725 17.77 -33.40 28.40
N GLU A 726 16.77 -32.98 29.18
CA GLU A 726 15.38 -33.11 28.77
C GLU A 726 15.16 -32.27 27.53
N LEU A 727 15.71 -31.07 27.51
CA LEU A 727 15.59 -30.17 26.38
C LEU A 727 16.24 -30.80 25.15
N GLN A 728 17.37 -31.47 25.31
CA GLN A 728 18.01 -32.10 24.16
C GLN A 728 17.07 -33.16 23.59
N GLN A 729 16.49 -33.95 24.49
CA GLN A 729 15.56 -34.96 24.00
C GLN A 729 14.35 -34.33 23.29
N ILE A 730 13.84 -33.23 23.85
CA ILE A 730 12.70 -32.51 23.28
C ILE A 730 13.04 -31.93 21.92
N ARG A 731 14.27 -31.46 21.80
CA ARG A 731 14.83 -30.87 20.61
C ARG A 731 14.84 -31.90 19.51
N GLN A 732 15.17 -33.16 19.80
CA GLN A 732 15.10 -34.12 18.71
C GLN A 732 13.68 -34.23 18.11
N GLU A 733 12.68 -34.12 18.99
CA GLU A 733 11.25 -34.16 18.67
C GLU A 733 10.82 -32.93 17.88
N ILE A 734 11.27 -31.75 18.32
CA ILE A 734 10.96 -30.50 17.63
C ILE A 734 11.45 -30.54 16.19
N PHE A 735 12.68 -31.01 16.00
CA PHE A 735 13.25 -31.03 14.65
C PHE A 735 12.43 -31.91 13.73
N ARG A 736 11.97 -33.07 14.19
CA ARG A 736 11.10 -33.84 13.32
C ARG A 736 9.80 -33.11 13.06
N PHE A 737 9.15 -32.61 14.13
CA PHE A 737 7.82 -32.03 13.97
C PHE A 737 7.84 -30.86 12.99
N ILE A 738 8.93 -30.10 12.95
CA ILE A 738 9.02 -28.96 12.04
C ILE A 738 9.45 -29.40 10.66
N GLU A 739 10.43 -30.29 10.57
CA GLU A 739 11.15 -30.52 9.32
C GLU A 739 10.71 -31.75 8.55
N GLN A 740 9.92 -32.65 9.15
CA GLN A 740 9.68 -33.96 8.54
C GLN A 740 8.20 -34.26 8.39
N ASP A 741 7.86 -34.76 7.21
CA ASP A 741 6.62 -35.42 6.77
C ASP A 741 5.38 -34.55 6.61
N CYS A 742 5.18 -33.58 7.50
CA CYS A 742 4.04 -32.67 7.40
C CYS A 742 4.34 -31.34 8.06
N GLY A 743 5.59 -31.12 8.44
CA GLY A 743 5.92 -29.92 9.18
C GLY A 743 5.61 -28.67 8.39
N VAL A 744 5.54 -27.54 9.11
CA VAL A 744 5.21 -26.28 8.46
C VAL A 744 6.20 -25.92 7.38
N THR A 745 7.41 -26.49 7.44
CA THR A 745 8.41 -26.23 6.42
C THR A 745 8.23 -27.07 5.17
N ARG A 746 7.40 -28.10 5.22
CA ARG A 746 7.15 -28.96 4.06
C ARG A 746 5.71 -28.94 3.60
N LEU A 747 4.76 -28.91 4.52
CA LEU A 747 3.34 -28.86 4.22
C LEU A 747 2.71 -27.61 4.84
N GLY A 748 1.67 -27.12 4.18
CA GLY A 748 0.94 -25.97 4.66
C GLY A 748 0.52 -25.04 3.56
N SER A 749 -0.75 -24.67 3.55
CA SER A 749 -1.31 -23.79 2.55
C SER A 749 -1.13 -22.33 2.98
N LEU A 750 -1.82 -21.43 2.29
CA LEU A 750 -1.80 -20.01 2.63
C LEU A 750 -2.92 -19.65 3.59
N SER A 751 -3.60 -20.64 4.15
CA SER A 751 -4.75 -20.41 5.02
C SER A 751 -4.31 -19.79 6.33
N LEU A 752 -5.31 -19.29 7.07
CA LEU A 752 -5.03 -18.69 8.37
C LEU A 752 -4.47 -19.72 9.34
N SER A 753 -4.96 -20.96 9.26
CA SER A 753 -4.48 -21.99 10.17
C SER A 753 -2.99 -22.26 9.98
N THR A 754 -2.53 -22.34 8.73
CA THR A 754 -1.10 -22.55 8.49
C THR A 754 -0.28 -21.35 8.95
N LEU A 755 -0.76 -20.14 8.65
CA LEU A 755 -0.02 -18.93 9.03
C LEU A 755 0.07 -18.79 10.54
N GLU A 756 -0.91 -19.35 11.27
CA GLU A 756 -0.83 -19.35 12.73
C GLU A 756 0.00 -20.51 13.24
N THR A 757 0.02 -21.64 12.52
CA THR A 757 0.88 -22.74 12.90
C THR A 757 2.35 -22.34 12.84
N VAL A 758 2.71 -21.55 11.83
CA VAL A 758 4.09 -21.08 11.72
C VAL A 758 4.47 -20.23 12.93
N LYS A 759 3.58 -19.32 13.34
CA LYS A 759 3.84 -18.50 14.51
C LYS A 759 3.95 -19.36 15.77
N ALA A 760 3.09 -20.39 15.89
CA ALA A 760 3.16 -21.27 17.04
C ALA A 760 4.49 -22.01 17.10
N VAL A 761 4.98 -22.47 15.96
CA VAL A 761 6.27 -23.16 15.91
C VAL A 761 7.40 -22.22 16.30
N LYS A 762 7.37 -20.99 15.78
CA LYS A 762 8.36 -20.00 16.21
C LYS A 762 8.30 -19.79 17.71
N GLY A 763 7.09 -19.78 18.28
CA GLY A 763 6.97 -19.67 19.73
C GLY A 763 7.56 -20.85 20.45
N ILE A 764 7.46 -22.05 19.87
CA ILE A 764 8.11 -23.23 20.44
C ILE A 764 9.59 -22.98 20.58
N ILE A 765 10.23 -22.52 19.50
CA ILE A 765 11.67 -22.31 19.55
C ILE A 765 12.02 -21.17 20.50
N TYR A 766 11.19 -20.11 20.53
CA TYR A 766 11.45 -19.00 21.44
C TYR A 766 11.41 -19.46 22.90
N SER A 767 10.43 -20.30 23.24
CA SER A 767 10.34 -20.82 24.60
C SER A 767 11.51 -21.77 24.91
N TYR A 768 11.95 -22.53 23.91
CA TYR A 768 13.13 -23.38 24.09
C TYR A 768 14.34 -22.54 24.46
N PHE A 769 14.57 -21.44 23.75
CA PHE A 769 15.69 -20.56 24.08
C PHE A 769 15.50 -19.90 25.44
N SER A 770 14.28 -19.50 25.78
CA SER A 770 14.04 -18.86 27.07
C SER A 770 14.26 -19.82 28.23
N THR A 771 14.02 -21.11 28.03
CA THR A 771 14.24 -22.09 29.09
C THR A 771 15.70 -22.50 29.17
N ALA A 772 16.35 -22.71 28.02
CA ALA A 772 17.74 -23.19 28.02
C ALA A 772 18.68 -22.16 28.64
N LEU A 773 18.52 -20.89 28.30
CA LEU A 773 19.35 -19.84 28.88
C LEU A 773 18.84 -19.35 30.22
N ASN A 774 17.67 -19.82 30.65
CA ASN A 774 17.07 -19.46 31.93
C ASN A 774 16.91 -17.93 32.06
N ALA A 775 16.15 -17.38 31.13
CA ALA A 775 15.92 -15.94 31.10
C ALA A 775 14.99 -15.53 32.25
N SER A 776 14.98 -14.23 32.53
CA SER A 776 14.20 -13.67 33.62
C SER A 776 13.94 -12.19 33.32
N LYS A 777 13.51 -11.44 34.33
CA LYS A 777 13.39 -10.01 34.18
C LYS A 777 14.76 -9.36 34.04
N ASN A 778 15.63 -9.55 35.02
CA ASN A 778 17.00 -9.03 34.97
C ASN A 778 17.95 -10.11 34.47
N ASN A 779 17.65 -10.61 33.27
CA ASN A 779 18.58 -11.42 32.49
C ASN A 779 18.13 -11.31 31.04
N PRO A 780 18.62 -10.32 30.30
CA PRO A 780 18.31 -10.25 28.87
C PRO A 780 19.03 -11.34 28.09
N ILE A 781 18.45 -11.67 26.94
CA ILE A 781 18.98 -12.73 26.08
C ILE A 781 19.05 -12.19 24.66
N SER A 782 20.21 -11.65 24.28
CA SER A 782 20.41 -11.18 22.93
C SER A 782 20.46 -12.36 21.96
N ASP A 783 19.99 -12.12 20.74
CA ASP A 783 20.00 -13.17 19.73
C ASP A 783 21.41 -13.67 19.43
N GLU A 784 22.42 -12.87 19.74
CA GLU A 784 23.80 -13.34 19.71
C GLU A 784 23.97 -14.55 20.62
N GLN A 785 23.44 -14.47 21.84
CA GLN A 785 23.51 -15.58 22.78
C GLN A 785 22.73 -16.78 22.27
N ARG A 786 21.56 -16.54 21.69
CA ARG A 786 20.76 -17.64 21.15
C ARG A 786 21.50 -18.39 20.06
N LYS A 787 22.11 -17.66 19.12
CA LYS A 787 22.86 -18.32 18.05
C LYS A 787 24.11 -18.99 18.60
N GLU A 788 24.75 -18.38 19.60
CA GLU A 788 25.93 -18.99 20.22
C GLU A 788 25.59 -20.33 20.83
N PHE A 789 24.44 -20.41 21.52
CA PHE A 789 24.06 -21.67 22.16
C PHE A 789 23.67 -22.73 21.14
N ASP A 790 22.85 -22.37 20.16
CA ASP A 790 22.31 -23.32 19.18
C ASP A 790 22.17 -22.66 17.82
N PRO A 791 23.22 -22.69 16.99
CA PRO A 791 23.10 -22.11 15.65
C PRO A 791 22.08 -22.83 14.78
N GLU A 792 21.99 -24.15 14.89
CA GLU A 792 21.12 -24.95 14.03
C GLU A 792 19.64 -24.71 14.29
N LEU A 793 19.29 -24.08 15.41
CA LEU A 793 17.90 -23.78 15.75
C LEU A 793 17.55 -22.32 15.50
N PHE A 794 18.50 -21.41 15.73
CA PHE A 794 18.34 -20.04 15.25
C PHE A 794 18.20 -20.02 13.74
N ALA A 795 18.83 -20.99 13.06
CA ALA A 795 18.60 -21.18 11.63
C ALA A 795 17.11 -21.37 11.33
N LEU A 796 16.45 -22.27 12.06
CA LEU A 796 15.01 -22.46 11.87
C LEU A 796 14.22 -21.21 12.26
N LEU A 797 14.67 -20.47 13.26
CA LEU A 797 13.96 -19.23 13.58
C LEU A 797 13.91 -18.30 12.38
N GLU A 798 15.08 -18.00 11.78
CA GLU A 798 15.05 -17.15 10.60
C GLU A 798 14.28 -17.80 9.46
N LYS A 799 14.41 -19.12 9.29
CA LYS A 799 13.76 -19.79 8.17
C LYS A 799 12.24 -19.67 8.28
N LEU A 800 11.70 -19.84 9.48
CA LEU A 800 10.26 -19.71 9.68
C LEU A 800 9.81 -18.27 9.50
N GLU A 801 10.62 -17.30 9.95
CA GLU A 801 10.27 -15.91 9.72
C GLU A 801 10.19 -15.62 8.21
N LEU A 802 11.15 -16.13 7.46
CA LEU A 802 11.16 -15.94 6.01
C LEU A 802 9.95 -16.61 5.36
N ILE A 803 9.60 -17.80 5.84
CA ILE A 803 8.43 -18.50 5.32
C ILE A 803 7.17 -17.67 5.56
N ARG A 804 7.04 -17.10 6.77
CA ARG A 804 5.89 -16.25 7.06
C ARG A 804 5.83 -15.06 6.12
N THR A 805 6.94 -14.36 5.95
CA THR A 805 6.97 -13.20 5.06
C THR A 805 6.51 -13.58 3.65
N ARG A 806 7.11 -14.64 3.09
CA ARG A 806 6.80 -15.01 1.72
C ARG A 806 5.35 -15.49 1.60
N LYS A 807 4.86 -16.24 2.59
CA LYS A 807 3.48 -16.72 2.55
C LYS A 807 2.50 -15.56 2.55
N LYS A 808 2.71 -14.58 3.44
CA LYS A 808 1.78 -13.46 3.50
C LYS A 808 1.79 -12.65 2.22
N LYS A 809 2.99 -12.39 1.68
CA LYS A 809 3.07 -11.65 0.41
C LYS A 809 2.35 -12.39 -0.70
N GLN A 810 2.59 -13.70 -0.80
CA GLN A 810 1.95 -14.51 -1.83
C GLN A 810 0.43 -14.49 -1.67
N LYS A 811 -0.04 -14.59 -0.43
CA LYS A 811 -1.48 -14.62 -0.18
C LYS A 811 -2.15 -13.32 -0.60
N VAL A 812 -1.54 -12.17 -0.25
CA VAL A 812 -2.13 -10.90 -0.63
C VAL A 812 -2.17 -10.76 -2.14
N GLU A 813 -1.07 -11.11 -2.82
CA GLU A 813 -1.04 -11.02 -4.27
C GLU A 813 -2.09 -11.94 -4.92
N ARG A 814 -2.24 -13.16 -4.38
CA ARG A 814 -3.19 -14.09 -4.97
C ARG A 814 -4.63 -13.63 -4.78
N ILE A 815 -4.93 -13.06 -3.61
CA ILE A 815 -6.28 -12.52 -3.39
C ILE A 815 -6.57 -11.39 -4.37
N ALA A 816 -5.61 -10.47 -4.51
CA ALA A 816 -5.80 -9.36 -5.43
C ALA A 816 -6.01 -9.87 -6.86
N ASN A 817 -5.21 -10.84 -7.28
CA ASN A 817 -5.38 -11.40 -8.62
C ASN A 817 -6.74 -12.04 -8.78
N SER A 818 -7.18 -12.82 -7.79
CA SER A 818 -8.44 -13.52 -7.95
C SER A 818 -9.59 -12.53 -8.09
N LEU A 819 -9.58 -11.46 -7.30
CA LEU A 819 -10.62 -10.45 -7.46
C LEU A 819 -10.52 -9.74 -8.81
N ILE A 820 -9.30 -9.44 -9.25
CA ILE A 820 -9.14 -8.71 -10.51
C ILE A 820 -9.62 -9.55 -11.69
N GLN A 821 -9.30 -10.85 -11.69
CA GLN A 821 -9.77 -11.72 -12.76
C GLN A 821 -11.28 -11.92 -12.68
N THR A 822 -11.84 -11.97 -11.48
CA THR A 822 -13.30 -12.01 -11.37
C THR A 822 -13.91 -10.77 -12.03
N CYS A 823 -13.32 -9.60 -11.79
CA CYS A 823 -13.80 -8.37 -12.43
C CYS A 823 -13.65 -8.43 -13.94
N LEU A 824 -12.51 -8.92 -14.43
CA LEU A 824 -12.24 -8.93 -15.86
C LEU A 824 -13.19 -9.86 -16.61
N GLU A 825 -13.46 -11.04 -16.03
CA GLU A 825 -14.37 -12.01 -16.64
C GLU A 825 -15.82 -11.54 -16.68
N ASN A 826 -16.12 -10.38 -16.09
CA ASN A 826 -17.50 -9.97 -15.87
C ASN A 826 -17.74 -8.53 -16.28
N ASN A 827 -16.83 -7.90 -17.02
CA ASN A 827 -16.89 -6.45 -17.23
C ASN A 827 -17.28 -5.65 -16.01
N ILE A 828 -16.58 -5.85 -14.92
CA ILE A 828 -16.71 -4.99 -13.75
C ILE A 828 -15.77 -3.81 -13.92
N LYS A 829 -16.24 -2.61 -13.60
CA LYS A 829 -15.45 -1.41 -13.76
C LYS A 829 -15.28 -0.64 -12.46
N PHE A 830 -15.93 -1.04 -11.38
CA PHE A 830 -15.84 -0.35 -10.11
C PHE A 830 -15.76 -1.39 -9.01
N ILE A 831 -14.80 -1.23 -8.09
CA ILE A 831 -14.68 -2.08 -6.92
C ILE A 831 -14.88 -1.23 -5.67
N ARG A 832 -15.58 -1.79 -4.70
CA ARG A 832 -15.79 -1.13 -3.42
C ARG A 832 -15.30 -2.05 -2.32
N GLY A 833 -14.45 -1.53 -1.45
CA GLY A 833 -13.93 -2.28 -0.32
C GLY A 833 -13.76 -1.43 0.92
N ALA A 834 -13.16 -1.98 1.97
CA ALA A 834 -12.95 -1.26 3.21
C ALA A 834 -11.51 -0.77 3.30
N GLY A 835 -11.33 0.53 3.54
CA GLY A 835 -10.00 1.09 3.64
C GLY A 835 -10.03 2.61 3.56
N ASP A 836 -8.87 3.18 3.32
CA ASP A 836 -8.74 4.63 3.14
C ASP A 836 -8.56 4.97 1.66
N SER A 852 -10.66 -0.61 12.78
CA SER A 852 -11.14 -1.55 11.77
C SER A 852 -10.07 -1.80 10.71
N MET A 853 -9.02 -2.53 11.07
CA MET A 853 -7.92 -2.76 10.14
C MET A 853 -7.19 -4.04 10.52
N ASP A 854 -7.47 -5.12 9.80
CA ASP A 854 -6.65 -6.32 9.84
C ASP A 854 -5.36 -6.09 9.06
N TRP A 855 -4.35 -6.91 9.35
CA TRP A 855 -3.14 -6.88 8.53
C TRP A 855 -3.46 -7.27 7.09
N LEU A 856 -4.24 -8.34 6.94
CA LEU A 856 -4.53 -8.87 5.61
C LEU A 856 -5.54 -8.00 4.88
N ALA A 857 -6.55 -7.47 5.59
CA ALA A 857 -7.52 -6.59 4.95
C ALA A 857 -6.84 -5.33 4.41
N ARG A 858 -6.00 -4.71 5.24
CA ARG A 858 -5.28 -3.52 4.83
C ARG A 858 -4.35 -3.83 3.65
N GLY A 859 -3.63 -4.95 3.73
CA GLY A 859 -2.74 -5.31 2.64
C GLY A 859 -3.47 -5.58 1.33
N VAL A 860 -4.59 -6.29 1.41
CA VAL A 860 -5.38 -6.56 0.20
C VAL A 860 -5.94 -5.27 -0.37
N PHE A 861 -6.38 -4.36 0.49
CA PHE A 861 -6.89 -3.10 -0.03
C PHE A 861 -5.81 -2.33 -0.77
N ASN A 862 -4.60 -2.25 -0.20
CA ASN A 862 -3.52 -1.55 -0.91
C ASN A 862 -3.16 -2.25 -2.21
N LYS A 863 -3.10 -3.58 -2.20
CA LYS A 863 -2.75 -4.31 -3.42
C LYS A 863 -3.79 -4.12 -4.52
N ILE A 864 -5.07 -4.11 -4.15
CA ILE A 864 -6.11 -3.85 -5.14
C ILE A 864 -6.00 -2.42 -5.65
N ARG A 865 -5.75 -1.46 -4.75
CA ARG A 865 -5.58 -0.08 -5.20
C ARG A 865 -4.42 0.04 -6.18
N GLN A 866 -3.45 -0.86 -6.05
CA GLN A 866 -2.34 -0.89 -7.01
C GLN A 866 -2.75 -1.52 -8.33
N LEU A 867 -3.44 -2.66 -8.28
CA LEU A 867 -3.68 -3.45 -9.49
C LEU A 867 -4.85 -2.94 -10.32
N ALA A 868 -5.91 -2.45 -9.68
CA ALA A 868 -7.11 -2.06 -10.41
C ALA A 868 -6.86 -1.00 -11.47
N PRO A 869 -6.14 0.09 -11.19
CA PRO A 869 -5.93 1.10 -12.24
C PRO A 869 -5.28 0.54 -13.49
N MET A 870 -4.48 -0.52 -13.35
CA MET A 870 -3.81 -1.13 -14.50
C MET A 870 -4.79 -1.68 -15.51
N HIS A 871 -6.03 -1.96 -15.09
CA HIS A 871 -7.06 -2.46 -15.98
C HIS A 871 -8.20 -1.47 -16.16
N ASN A 872 -7.97 -0.20 -15.84
CA ASN A 872 -8.98 0.85 -15.90
C ASN A 872 -10.19 0.51 -15.04
N ILE A 873 -9.94 -0.15 -13.91
CA ILE A 873 -10.97 -0.45 -12.93
C ILE A 873 -10.84 0.55 -11.80
N THR A 874 -11.95 1.17 -11.42
CA THR A 874 -11.93 2.23 -10.43
C THR A 874 -12.21 1.66 -9.04
N LEU A 875 -11.31 1.94 -8.09
CA LEU A 875 -11.47 1.50 -6.72
C LEU A 875 -11.90 2.67 -5.85
N PHE A 876 -12.90 2.43 -5.00
CA PHE A 876 -13.26 3.37 -3.96
C PHE A 876 -13.09 2.67 -2.62
N GLY A 877 -13.04 3.45 -1.54
CA GLY A 877 -12.88 2.87 -0.23
C GLY A 877 -13.93 3.34 0.77
N CYS A 878 -14.76 2.42 1.26
CA CYS A 878 -15.79 2.74 2.24
C CYS A 878 -15.38 2.21 3.60
N GLY A 879 -15.41 3.07 4.60
CA GLY A 879 -15.08 2.66 5.96
C GLY A 879 -16.30 2.23 6.75
N SER A 880 -17.23 1.53 6.10
CA SER A 880 -18.46 1.11 6.75
C SER A 880 -18.19 -0.05 7.70
N LEU A 881 -18.79 0.03 8.89
CA LEU A 881 -18.58 -0.97 9.93
C LEU A 881 -19.78 -1.88 10.16
N TYR A 882 -20.98 -1.48 9.71
CA TYR A 882 -22.19 -2.25 9.93
C TYR A 882 -22.51 -3.19 8.77
N THR A 883 -21.53 -3.47 7.90
CA THR A 883 -21.79 -4.25 6.70
C THR A 883 -22.21 -5.69 7.00
N SER A 884 -21.85 -6.21 8.18
CA SER A 884 -22.15 -7.61 8.48
C SER A 884 -23.62 -7.85 8.77
N HIS A 885 -24.39 -6.81 9.10
CA HIS A 885 -25.76 -6.97 9.54
C HIS A 885 -26.78 -6.22 8.69
N GLN A 886 -26.35 -5.35 7.78
CA GLN A 886 -27.28 -4.60 6.96
C GLN A 886 -28.06 -5.52 6.02
N ASP A 887 -29.30 -5.12 5.72
CA ASP A 887 -30.13 -5.89 4.80
C ASP A 887 -30.00 -5.28 3.42
N PRO A 888 -29.44 -6.00 2.44
CA PRO A 888 -29.22 -5.42 1.12
C PRO A 888 -30.51 -4.94 0.49
N LEU A 889 -30.41 -3.86 -0.28
CA LEU A 889 -31.51 -3.22 -1.00
C LEU A 889 -32.58 -2.66 -0.07
N VAL A 890 -32.41 -2.79 1.25
CA VAL A 890 -33.39 -2.33 2.22
C VAL A 890 -32.79 -1.32 3.20
N HIS A 891 -31.58 -1.60 3.69
CA HIS A 891 -30.90 -0.68 4.59
C HIS A 891 -30.68 0.67 3.91
N ARG A 892 -31.17 1.73 4.56
CA ARG A 892 -31.14 3.09 4.00
C ARG A 892 -31.79 3.16 2.63
N ASN A 893 -32.76 2.28 2.38
CA ASN A 893 -33.61 2.34 1.20
C ASN A 893 -35.05 2.20 1.67
N PRO A 894 -35.63 3.26 2.25
CA PRO A 894 -35.00 4.56 2.51
C PRO A 894 -34.45 4.68 3.93
N ASP A 895 -34.74 3.69 4.77
CA ASP A 895 -34.54 3.82 6.20
C ASP A 895 -33.65 2.69 6.72
N LYS A 896 -33.16 2.89 7.94
CA LYS A 896 -32.33 1.89 8.61
C LYS A 896 -33.05 0.55 8.67
N ALA A 897 -32.30 -0.52 8.42
CA ALA A 897 -32.85 -1.87 8.55
C ALA A 897 -31.70 -2.84 8.73
N MET A 898 -31.61 -3.43 9.91
CA MET A 898 -30.62 -4.45 10.20
C MET A 898 -31.30 -5.71 10.71
N LYS A 899 -30.62 -6.84 10.55
CA LYS A 899 -31.09 -8.12 11.04
C LYS A 899 -29.92 -8.89 11.59
N CYS A 900 -30.18 -9.69 12.62
CA CYS A 900 -29.12 -10.49 13.20
C CYS A 900 -28.66 -11.57 12.21
N ARG A 901 -27.50 -12.13 12.52
CA ARG A 901 -26.89 -13.18 11.71
C ARG A 901 -27.21 -14.54 12.31
N TRP A 902 -27.56 -15.50 11.46
CA TRP A 902 -28.17 -16.76 11.87
C TRP A 902 -27.28 -17.94 11.52
N ALA A 903 -27.53 -19.08 12.18
CA ALA A 903 -26.79 -20.30 11.89
C ALA A 903 -27.71 -21.52 11.88
N ALA A 904 -27.34 -22.52 11.09
CA ALA A 904 -28.13 -23.72 10.88
C ALA A 904 -27.50 -24.90 11.62
N ILE A 905 -28.28 -25.55 12.47
CA ILE A 905 -27.81 -26.63 13.34
C ILE A 905 -28.77 -27.80 13.24
N PRO A 906 -28.31 -29.01 12.94
CA PRO A 906 -29.20 -30.17 13.07
C PRO A 906 -29.58 -30.40 14.52
N VAL A 907 -30.72 -31.05 14.72
CA VAL A 907 -31.31 -31.19 16.06
C VAL A 907 -30.32 -31.80 17.05
N LYS A 908 -29.45 -32.69 16.56
CA LYS A 908 -28.53 -33.41 17.45
C LYS A 908 -27.54 -32.46 18.11
N ASP A 909 -26.78 -31.71 17.31
CA ASP A 909 -25.67 -30.93 17.85
C ASP A 909 -26.16 -29.64 18.51
N ILE A 910 -27.12 -29.77 19.42
CA ILE A 910 -27.63 -28.65 20.20
C ILE A 910 -27.17 -28.87 21.64
N GLY A 911 -26.39 -27.93 22.17
CA GLY A 911 -25.85 -28.07 23.51
C GLY A 911 -25.76 -26.77 24.28
N ASP A 912 -24.83 -26.70 25.23
CA ASP A 912 -24.73 -25.54 26.10
C ASP A 912 -24.37 -24.28 25.32
N TRP A 913 -23.54 -24.42 24.28
CA TRP A 913 -23.16 -23.27 23.46
C TRP A 913 -24.34 -22.68 22.70
N VAL A 914 -25.45 -23.41 22.60
CA VAL A 914 -26.66 -22.88 21.97
C VAL A 914 -27.44 -22.01 22.94
N LEU A 915 -27.78 -22.59 24.10
CA LEU A 915 -28.57 -21.86 25.08
C LEU A 915 -27.78 -20.70 25.68
N ARG A 916 -26.45 -20.77 25.68
CA ARG A 916 -25.64 -19.64 26.12
C ARG A 916 -25.91 -18.43 25.24
N LYS A 917 -25.78 -18.59 23.92
CA LYS A 917 -26.06 -17.49 23.01
C LYS A 917 -27.52 -17.06 23.09
N LEU A 918 -28.43 -18.01 23.21
CA LEU A 918 -29.84 -17.66 23.32
C LEU A 918 -30.07 -16.72 24.51
N SER A 919 -29.61 -17.12 25.69
CA SER A 919 -29.80 -16.32 26.89
C SER A 919 -29.06 -14.98 26.80
N GLN A 920 -27.84 -14.99 26.27
CA GLN A 920 -27.08 -13.75 26.19
C GLN A 920 -27.76 -12.74 25.27
N ASN A 921 -28.12 -13.17 24.05
CA ASN A 921 -28.76 -12.25 23.11
C ASN A 921 -30.13 -11.82 23.60
N LEU A 922 -30.87 -12.69 24.30
CA LEU A 922 -32.11 -12.26 24.91
C LEU A 922 -31.86 -11.21 25.99
N ARG A 923 -30.81 -11.41 26.80
CA ARG A 923 -30.44 -10.43 27.81
C ARG A 923 -29.72 -9.23 27.21
N ALA A 924 -29.08 -9.40 26.07
CA ALA A 924 -28.37 -8.29 25.41
C ALA A 924 -29.40 -7.31 24.88
N LYS A 925 -29.55 -6.17 25.58
CA LYS A 925 -30.44 -5.11 25.15
C LYS A 925 -29.73 -3.77 25.02
N ASN A 926 -28.40 -3.78 24.99
CA ASN A 926 -27.64 -2.55 24.76
C ASN A 926 -26.47 -2.72 23.81
N ILE A 927 -26.16 -3.94 23.35
CA ILE A 927 -24.89 -4.23 22.69
C ILE A 927 -24.66 -3.44 21.40
N GLY A 928 -25.63 -2.65 20.94
CA GLY A 928 -25.48 -1.92 19.71
C GLY A 928 -25.90 -2.77 18.52
N THR A 929 -25.23 -3.91 18.36
CA THR A 929 -25.71 -4.98 17.49
C THR A 929 -26.40 -6.07 18.30
N GLY A 930 -27.09 -5.67 19.36
CA GLY A 930 -27.77 -6.60 20.24
C GLY A 930 -29.27 -6.54 20.14
N GLU A 931 -29.81 -5.37 19.76
CA GLU A 931 -31.24 -5.29 19.43
C GLU A 931 -31.62 -6.34 18.41
N TYR A 932 -30.82 -6.41 17.34
CA TYR A 932 -31.10 -7.32 16.24
C TYR A 932 -31.01 -8.77 16.69
N TYR A 933 -30.08 -9.06 17.60
CA TYR A 933 -29.94 -10.43 18.08
C TYR A 933 -31.01 -10.79 19.10
N HIS A 934 -31.41 -9.84 19.96
CA HIS A 934 -32.59 -10.06 20.79
C HIS A 934 -33.80 -10.37 19.93
N GLN A 935 -34.05 -9.52 18.94
CA GLN A 935 -35.23 -9.68 18.11
C GLN A 935 -35.15 -10.95 17.30
N GLY A 936 -33.94 -11.40 16.98
CA GLY A 936 -33.77 -12.72 16.36
C GLY A 936 -34.12 -13.84 17.31
N VAL A 937 -33.74 -13.72 18.58
CA VAL A 937 -34.13 -14.73 19.57
C VAL A 937 -35.64 -14.78 19.70
N LYS A 938 -36.29 -13.62 19.75
CA LYS A 938 -37.75 -13.60 19.90
C LYS A 938 -38.44 -14.12 18.64
N GLU A 939 -37.89 -13.84 17.46
CA GLU A 939 -38.42 -14.42 16.23
C GLU A 939 -38.25 -15.93 16.21
N PHE A 940 -37.11 -16.42 16.71
CA PHE A 940 -36.88 -17.86 16.86
C PHE A 940 -37.95 -18.48 17.74
N LEU A 941 -38.23 -17.84 18.88
CA LEU A 941 -39.25 -18.34 19.80
C LEU A 941 -40.62 -18.34 19.16
N SER A 942 -40.97 -17.25 18.47
CA SER A 942 -42.28 -17.16 17.83
C SER A 942 -42.44 -18.22 16.75
N HIS A 943 -41.41 -18.41 15.93
CA HIS A 943 -41.49 -19.37 14.84
C HIS A 943 -41.58 -20.80 15.35
N TYR A 944 -40.69 -21.17 16.27
CA TYR A 944 -40.65 -22.54 16.76
C TYR A 944 -41.60 -22.78 17.92
N GLU A 945 -42.37 -21.77 18.33
CA GLU A 945 -43.43 -21.90 19.34
C GLU A 945 -42.86 -22.41 20.67
N LEU A 946 -42.00 -21.59 21.26
CA LEU A 946 -41.28 -21.94 22.49
C LEU A 946 -41.32 -20.79 23.50
N GLN A 947 -42.42 -20.02 23.51
CA GLN A 947 -42.51 -18.81 24.32
C GLN A 947 -42.53 -19.11 25.83
N ASP A 948 -43.02 -20.27 26.24
CA ASP A 948 -42.86 -20.70 27.62
C ASP A 948 -41.38 -20.87 27.99
N LEU A 949 -40.56 -21.32 27.05
CA LEU A 949 -39.15 -21.42 27.36
C LEU A 949 -38.45 -20.07 27.42
N GLU A 950 -39.05 -18.97 26.94
CA GLU A 950 -38.35 -17.69 27.09
C GLU A 950 -38.43 -17.23 28.54
N GLU A 951 -39.61 -17.40 29.14
CA GLU A 951 -39.75 -17.15 30.56
C GLU A 951 -38.79 -18.02 31.34
N GLU A 952 -38.66 -19.29 30.95
CA GLU A 952 -37.70 -20.13 31.67
C GLU A 952 -36.26 -19.61 31.48
N LEU A 953 -35.88 -19.28 30.24
CA LEU A 953 -34.49 -18.99 29.87
C LEU A 953 -33.99 -17.61 30.24
N LEU A 954 -34.86 -16.64 30.50
CA LEU A 954 -34.41 -15.29 30.83
C LEU A 954 -33.45 -15.29 32.02
N LYS A 955 -33.63 -16.20 32.97
CA LYS A 955 -32.75 -16.32 34.12
C LYS A 955 -31.63 -17.34 33.92
N TRP A 956 -31.85 -18.32 33.04
CA TRP A 956 -31.03 -19.54 32.93
C TRP A 956 -29.73 -19.33 32.17
N ARG A 957 -29.14 -20.44 31.71
CA ARG A 957 -27.84 -20.48 31.02
C ARG A 957 -26.72 -20.18 32.00
N SER A 958 -26.89 -20.61 33.24
CA SER A 958 -25.90 -20.44 34.27
C SER A 958 -24.75 -21.41 34.07
N ASP A 959 -23.70 -21.24 34.89
CA ASP A 959 -22.56 -22.15 34.83
C ASP A 959 -22.99 -23.59 35.11
N ARG A 960 -23.70 -23.83 36.21
CA ARG A 960 -24.04 -25.22 36.52
C ARG A 960 -25.49 -25.48 36.91
N LYS A 961 -26.18 -24.62 37.66
CA LYS A 961 -27.38 -25.10 38.35
C LYS A 961 -28.70 -24.70 37.69
N SER A 962 -29.01 -23.41 37.61
CA SER A 962 -30.37 -22.98 37.27
C SER A 962 -30.55 -22.96 35.75
N ASN A 963 -30.30 -24.13 35.16
CA ASN A 963 -30.43 -24.39 33.74
C ASN A 963 -31.61 -25.31 33.46
N ILE A 964 -32.27 -25.06 32.35
CA ILE A 964 -33.07 -26.13 31.75
C ILE A 964 -32.12 -27.21 31.24
N PRO A 965 -32.43 -28.48 31.43
CA PRO A 965 -31.59 -29.53 30.83
C PRO A 965 -31.39 -29.29 29.35
N CYS A 966 -30.28 -29.81 28.84
CA CYS A 966 -29.85 -29.53 27.46
C CYS A 966 -30.31 -30.62 26.47
N TRP A 967 -31.46 -31.24 26.73
CA TRP A 967 -32.17 -32.10 25.80
C TRP A 967 -33.67 -31.77 25.70
N VAL A 968 -34.23 -30.96 26.60
CA VAL A 968 -35.63 -30.58 26.53
C VAL A 968 -35.93 -29.92 25.19
N LEU A 969 -35.05 -29.00 24.78
CA LEU A 969 -35.25 -28.24 23.56
C LEU A 969 -35.08 -29.13 22.33
N GLN A 970 -34.10 -30.04 22.35
CA GLN A 970 -34.03 -31.10 21.35
C GLN A 970 -35.37 -31.78 21.14
N ASN A 971 -35.93 -32.31 22.24
CA ASN A 971 -37.14 -33.11 22.14
C ASN A 971 -38.29 -32.29 21.58
N ARG A 972 -38.46 -31.05 22.07
CA ARG A 972 -39.52 -30.21 21.51
C ARG A 972 -39.31 -29.90 20.04
N LEU A 973 -38.10 -29.53 19.65
CA LEU A 973 -37.89 -29.13 18.25
C LEU A 973 -38.09 -30.32 17.32
N ALA A 974 -37.63 -31.51 17.72
CA ALA A 974 -37.93 -32.69 16.93
C ALA A 974 -39.43 -32.95 16.87
N GLU A 975 -40.13 -32.76 17.99
CA GLU A 975 -41.59 -32.91 18.01
C GLU A 975 -42.27 -31.89 17.08
N LYS A 976 -41.61 -30.76 16.82
CA LYS A 976 -42.13 -29.74 15.92
C LYS A 976 -41.58 -29.84 14.51
N LEU A 977 -40.70 -30.80 14.24
CA LEU A 977 -40.21 -31.04 12.89
C LEU A 977 -40.38 -32.50 12.48
N GLY A 978 -40.42 -33.41 13.45
CA GLY A 978 -40.69 -34.81 13.17
C GLY A 978 -39.46 -35.67 12.94
N ASN A 979 -38.27 -35.16 13.18
CA ASN A 979 -37.05 -35.94 12.95
C ASN A 979 -35.98 -35.45 13.91
N LYS A 980 -35.15 -36.37 14.40
CA LYS A 980 -34.10 -36.07 15.35
C LYS A 980 -32.80 -35.65 14.68
N GLU A 981 -32.85 -35.32 13.39
CA GLU A 981 -31.72 -34.71 12.68
C GLU A 981 -32.33 -33.76 11.66
N ALA A 982 -32.49 -32.50 12.07
CA ALA A 982 -33.28 -31.55 11.31
C ALA A 982 -32.70 -30.15 11.48
N VAL A 983 -32.64 -29.41 10.39
CA VAL A 983 -32.01 -28.10 10.39
C VAL A 983 -32.87 -27.12 11.18
N VAL A 984 -32.26 -26.48 12.18
CA VAL A 984 -32.89 -25.50 13.03
C VAL A 984 -32.05 -24.23 12.96
N TYR A 985 -32.71 -23.08 12.86
CA TYR A 985 -32.02 -21.80 12.71
C TYR A 985 -31.98 -21.10 14.05
N ILE A 986 -30.76 -20.75 14.49
CA ILE A 986 -30.53 -20.15 15.79
C ILE A 986 -29.78 -18.84 15.57
N PRO A 987 -30.20 -17.74 16.20
CA PRO A 987 -29.51 -16.46 16.02
C PRO A 987 -28.22 -16.35 16.83
N VAL A 988 -27.12 -16.87 16.29
CA VAL A 988 -25.83 -16.82 16.98
C VAL A 988 -25.02 -15.66 16.42
N ARG A 989 -24.19 -15.06 17.27
CA ARG A 989 -23.27 -14.03 16.81
C ARG A 989 -22.20 -14.67 15.94
N GLY A 990 -22.11 -14.24 14.69
CA GLY A 990 -21.18 -14.84 13.75
C GLY A 990 -21.60 -16.20 13.23
N GLY A 991 -22.70 -16.23 12.48
CA GLY A 991 -23.14 -17.44 11.81
C GLY A 991 -22.93 -17.38 10.31
N ARG A 992 -23.04 -18.50 9.62
CA ARG A 992 -22.79 -18.52 8.19
C ARG A 992 -24.03 -18.25 7.35
N ILE A 993 -25.12 -17.79 7.98
CA ILE A 993 -26.41 -17.67 7.30
C ILE A 993 -27.01 -16.31 7.65
N TYR A 994 -27.55 -15.64 6.63
CA TYR A 994 -28.28 -14.39 6.81
C TYR A 994 -29.67 -14.54 6.21
N PHE A 995 -30.63 -13.84 6.83
CA PHE A 995 -32.01 -13.86 6.39
C PHE A 995 -32.27 -12.57 5.61
N ALA A 996 -32.12 -12.64 4.29
CA ALA A 996 -32.20 -11.47 3.44
C ALA A 996 -33.60 -11.28 2.88
N THR A 997 -33.97 -10.02 2.67
CA THR A 997 -35.26 -9.72 2.05
C THR A 997 -35.28 -10.13 0.59
N HIS A 998 -34.22 -9.82 -0.16
CA HIS A 998 -34.15 -10.10 -1.59
C HIS A 998 -33.06 -11.14 -1.87
N LYS A 999 -33.16 -11.77 -3.03
CA LYS A 999 -32.18 -12.78 -3.43
C LYS A 999 -30.89 -12.10 -3.84
N VAL A 1000 -30.00 -11.87 -2.88
CA VAL A 1000 -28.77 -11.13 -3.10
C VAL A 1000 -27.54 -12.02 -2.97
N ALA A 1001 -27.72 -13.33 -3.02
CA ALA A 1001 -26.60 -14.27 -2.95
C ALA A 1001 -26.88 -15.44 -3.86
N THR A 1002 -25.85 -15.88 -4.59
CA THR A 1002 -26.02 -16.99 -5.51
C THR A 1002 -26.35 -18.27 -4.75
N GLY A 1003 -27.37 -19.00 -5.22
CA GLY A 1003 -27.78 -20.23 -4.59
C GLY A 1003 -28.69 -20.08 -3.39
N ALA A 1004 -29.24 -18.89 -3.16
CA ALA A 1004 -30.16 -18.71 -2.05
C ALA A 1004 -31.52 -19.35 -2.37
N VAL A 1005 -32.22 -19.74 -1.32
CA VAL A 1005 -33.55 -20.34 -1.43
C VAL A 1005 -34.48 -19.63 -0.46
N SER A 1006 -35.76 -19.60 -0.81
CA SER A 1006 -36.74 -18.85 -0.06
C SER A 1006 -37.49 -19.77 0.90
N ILE A 1007 -37.66 -19.33 2.13
CA ILE A 1007 -38.45 -20.03 3.14
C ILE A 1007 -39.29 -18.99 3.88
N VAL A 1008 -40.13 -19.48 4.80
CA VAL A 1008 -40.98 -18.63 5.62
C VAL A 1008 -40.54 -18.79 7.07
N PHE A 1009 -40.07 -17.70 7.67
CA PHE A 1009 -39.65 -17.67 9.06
C PHE A 1009 -40.46 -16.62 9.80
N ASP A 1010 -41.11 -17.03 10.89
CA ASP A 1010 -41.97 -16.14 11.69
C ASP A 1010 -43.03 -15.48 10.81
N GLN A 1011 -43.63 -16.27 9.92
CA GLN A 1011 -44.65 -15.79 8.98
C GLN A 1011 -44.12 -14.65 8.12
N LYS A 1012 -42.83 -14.68 7.79
CA LYS A 1012 -42.20 -13.71 6.91
C LYS A 1012 -41.38 -14.45 5.86
N GLN A 1013 -41.65 -14.15 4.59
CA GLN A 1013 -40.85 -14.77 3.54
C GLN A 1013 -39.45 -14.16 3.55
N VAL A 1014 -38.45 -15.00 3.29
CA VAL A 1014 -37.06 -14.58 3.44
C VAL A 1014 -36.20 -15.50 2.59
N TRP A 1015 -35.00 -15.02 2.24
CA TRP A 1015 -34.04 -15.80 1.48
C TRP A 1015 -32.87 -16.18 2.38
N VAL A 1016 -32.50 -17.45 2.36
CA VAL A 1016 -31.39 -18.00 3.13
C VAL A 1016 -30.13 -17.69 2.33
N CYS A 1017 -29.42 -16.62 2.69
CA CYS A 1017 -28.24 -16.20 1.96
C CYS A 1017 -26.99 -16.46 2.77
N ASN A 1018 -25.85 -16.50 2.05
CA ASN A 1018 -24.55 -16.69 2.68
C ASN A 1018 -24.09 -15.34 3.25
N ALA A 1019 -23.90 -15.29 4.58
CA ALA A 1019 -23.73 -14.01 5.26
C ALA A 1019 -22.52 -13.25 4.74
N ASP A 1020 -21.46 -13.95 4.32
CA ASP A 1020 -20.32 -13.27 3.72
C ASP A 1020 -20.70 -12.59 2.42
N HIS A 1021 -21.51 -13.27 1.59
CA HIS A 1021 -22.01 -12.64 0.38
C HIS A 1021 -22.91 -11.45 0.69
N VAL A 1022 -23.66 -11.52 1.79
CA VAL A 1022 -24.50 -10.39 2.19
C VAL A 1022 -23.63 -9.20 2.58
N ALA A 1023 -22.54 -9.45 3.31
CA ALA A 1023 -21.62 -8.37 3.64
C ALA A 1023 -20.97 -7.79 2.39
N ALA A 1024 -20.60 -8.65 1.44
CA ALA A 1024 -20.03 -8.16 0.18
C ALA A 1024 -21.04 -7.28 -0.56
N ALA A 1025 -22.30 -7.70 -0.62
CA ALA A 1025 -23.32 -6.90 -1.28
C ALA A 1025 -23.54 -5.58 -0.55
N ASN A 1026 -23.53 -5.60 0.79
CA ASN A 1026 -23.66 -4.36 1.54
C ASN A 1026 -22.52 -3.41 1.25
N ILE A 1027 -21.32 -3.95 1.06
CA ILE A 1027 -20.18 -3.10 0.72
C ILE A 1027 -20.33 -2.55 -0.69
N ALA A 1028 -20.84 -3.36 -1.62
CA ALA A 1028 -21.01 -2.90 -2.99
C ALA A 1028 -22.04 -1.78 -3.10
N LEU A 1029 -23.05 -1.78 -2.23
CA LEU A 1029 -24.13 -0.80 -2.29
C LEU A 1029 -23.91 0.39 -1.38
N THR A 1030 -22.78 0.46 -0.68
CA THR A 1030 -22.46 1.63 0.12
C THR A 1030 -21.95 2.75 -0.77
N VAL A 1031 -22.30 3.99 -0.41
CA VAL A 1031 -21.81 5.18 -1.09
C VAL A 1031 -21.30 6.13 -0.01
N LYS A 1032 -20.00 6.12 0.24
CA LYS A 1032 -19.38 6.98 1.24
C LYS A 1032 -18.70 8.17 0.57
#